data_5JQP
#
_entry.id   5JQP
#
_cell.length_a   82.716
_cell.length_b   88.712
_cell.length_c   173.103
_cell.angle_alpha   90.00
_cell.angle_beta   90.00
_cell.angle_gamma   90.00
#
_symmetry.space_group_name_H-M   'P 21 2 21'
#
loop_
_entity.id
_entity.type
_entity.pdbx_description
1 polymer 'Alpha glucosidase-like protein'
2 polymer 'Glucosidase 2 subunit beta-like protein'
3 non-polymer 2-AMINO-2-HYDROXYMETHYL-PROPANE-1,3-DIOL
4 non-polymer 'CALCIUM ION'
5 water water
#
loop_
_entity_poly.entity_id
_entity_poly.type
_entity_poly.pdbx_seq_one_letter_code
_entity_poly.pdbx_strand_id
1 'polypeptide(L)'
;GSEFVKEHDWKKCDQSGFCRRNRAYADHALSAISWESPYKIAPETGSFKDGQYQAIILKTINDHGETVRLPLTVSFLESG
TARVTIDEEKRQKGEIELRHDSKARKERYNEAEQWVIVGGMTLDKGAKVDYEDKTQMTVKYGPSSKFEATIKFAPFSIDF
KRDGASHIKFNDQGLLNIEHWRPKIDPPPEPEKKEGEQQPDKKEEAPREDDSTWWEESFGGNTDSKPRGPESVGLDISFV
GYEHVFGIPSHASPLSLKQTRGGEGNYNEPYRMYNADVFEYILDSPMTLYGSIPFMQAHRKDSSVGIFWLNAAETWVDIT
KGKDSKNPLALGVKSKITTRTHWFSESGLLDVFVFLGPTPKDIISKYAELTGTTAMPQEFSLGYHQCRWNYVSDEDVKDV
DRKMDKFNMPYDVIWLDIEYTDEKKYFTWDKHSFKDPIGMGKQLEAHGRKLVTIIDPHIKNTNNYPVVDELKSKDLAVKT
KDGSIFEGWCWPGSSHWIDAFNPAAREWWKGLFKYDKFKGTMENTFIWNDMNEPSVFNGPEVTMPKDNLHHGNWEHRDVH
NLNGMTFQNATYHALLSRKPGEHRRPFVLTRAFFAGSQRLGAMWTGDNTADWGYLKASIPMVLSQGIAGFPFAGADVGGF
FGNPDKDLLTRWYQTGIFYPFFRAHAHIDARRREPYLTGEPYNTIIAAALRLRYSLLPSWYTAFRHAHLDGTPIIKPMFY
THPSEEAGLPIDDQFFIGNTGLLAKPVTDKDRTSVDIWIPDSEVYYDYFTYDIISAAKSKTATLDAPLEKIPLLMRGGHV
FARRDIPRRSSALMKWDPYTLVVVLGNDRKAEGDLYVDDGDSFDYEKGQYIHRRFIFDANTLTSADYEGRDDASIKEGEW
LKKMRTVNVEKIIVVGAPAAWKGKKTVTVESEGKTWAAAIEYNPAEKSRAAFAVVKKVGVRVGADFKIVFG
;
A
2 'polypeptide(L)'
;MGHHHHHHHHHHSSGHIEGRHMSSSLPRGVGPEFAKYYTSQGTFTCIGTPSITLSSSQINDNSCDCPDGSDEPGTAACAH
LDRLSPEQPLPGSLTGTTNTTSTLPGFWCANEGHIGSYIPFMYVNDGVCDYELCCDGSDEYAHAGGVQCENRCAAIGKEY
RRLE
;
B
#
loop_
_chem_comp.id
_chem_comp.type
_chem_comp.name
_chem_comp.formula
CA non-polymer 'CALCIUM ION' 'Ca 2'
TRS non-polymer 2-AMINO-2-HYDROXYMETHYL-PROPANE-1,3-DIOL 'C4 H12 N O3 1'
#
# COMPACT_ATOMS: atom_id res chain seq x y z
N HIS A 8 8.99 -6.96 -27.80
CA HIS A 8 7.53 -7.06 -27.43
C HIS A 8 7.06 -8.53 -27.38
N ASP A 9 7.79 -9.32 -26.59
CA ASP A 9 7.58 -10.74 -26.41
C ASP A 9 8.35 -11.30 -25.20
N TRP A 10 7.81 -12.33 -24.54
CA TRP A 10 8.17 -12.72 -23.14
C TRP A 10 8.44 -14.17 -23.15
N LYS A 11 9.50 -14.59 -22.46
CA LYS A 11 9.80 -16.00 -22.39
C LYS A 11 8.65 -16.71 -21.71
N LYS A 12 8.15 -17.75 -22.34
CA LYS A 12 7.45 -18.80 -21.64
C LYS A 12 8.48 -19.63 -20.95
N CYS A 13 8.00 -20.53 -20.12
CA CYS A 13 8.87 -21.26 -19.20
C CYS A 13 9.80 -22.21 -19.94
N ASP A 14 9.35 -22.70 -21.10
CA ASP A 14 10.20 -23.56 -21.90
C ASP A 14 11.36 -22.85 -22.57
N GLN A 15 11.18 -21.57 -22.86
CA GLN A 15 12.23 -20.77 -23.41
C GLN A 15 13.18 -20.19 -22.33
N SER A 16 12.93 -20.42 -21.05
CA SER A 16 13.89 -20.04 -20.05
C SER A 16 14.65 -21.29 -19.67
N GLY A 17 15.93 -21.32 -20.03
CA GLY A 17 16.75 -22.49 -19.92
C GLY A 17 16.76 -23.09 -18.53
N PHE A 18 17.07 -22.28 -17.50
CA PHE A 18 17.04 -22.89 -16.15
C PHE A 18 15.64 -23.28 -15.65
N CYS A 19 14.58 -22.69 -16.19
CA CYS A 19 13.22 -23.09 -15.79
C CYS A 19 12.90 -24.44 -16.41
N ARG A 20 13.18 -24.58 -17.71
CA ARG A 20 13.19 -25.91 -18.33
C ARG A 20 13.93 -27.00 -17.56
N ARG A 21 15.16 -26.73 -17.14
CA ARG A 21 15.96 -27.73 -16.44
C ARG A 21 15.35 -28.11 -15.10
N ASN A 22 14.85 -27.13 -14.35
CA ASN A 22 14.27 -27.41 -13.06
C ASN A 22 12.92 -28.11 -13.13
N ARG A 23 12.11 -27.80 -14.15
CA ARG A 23 10.84 -28.49 -14.31
C ARG A 23 11.11 -29.93 -14.70
N ALA A 24 12.16 -30.15 -15.48
CA ALA A 24 12.51 -31.50 -15.92
C ALA A 24 13.10 -32.32 -14.76
N TYR A 25 13.87 -31.66 -13.91
CA TYR A 25 14.33 -32.25 -12.65
C TYR A 25 13.17 -32.78 -11.81
N ALA A 26 12.10 -32.01 -11.72
CA ALA A 26 10.90 -32.43 -11.04
C ALA A 26 10.22 -33.61 -11.78
N ASP A 27 10.03 -33.51 -13.09
CA ASP A 27 9.42 -34.63 -13.84
C ASP A 27 10.17 -35.95 -13.50
N HIS A 28 11.50 -35.89 -13.52
CA HIS A 28 12.33 -37.05 -13.28
C HIS A 28 12.19 -37.55 -11.86
N ALA A 29 12.37 -36.67 -10.89
CA ALA A 29 12.19 -37.09 -9.52
C ALA A 29 10.81 -37.68 -9.27
N LEU A 30 9.76 -37.12 -9.85
CA LEU A 30 8.40 -37.46 -9.41
C LEU A 30 7.93 -38.73 -10.02
N SER A 31 8.63 -39.21 -11.04
CA SER A 31 8.25 -40.44 -11.67
C SER A 31 9.40 -41.44 -11.76
N ALA A 32 10.30 -41.49 -10.80
CA ALA A 32 11.32 -42.53 -10.81
C ALA A 32 11.04 -43.47 -9.65
N ILE A 33 11.64 -44.66 -9.66
CA ILE A 33 11.48 -45.59 -8.55
C ILE A 33 12.32 -45.10 -7.38
N SER A 34 11.69 -44.85 -6.24
CA SER A 34 12.35 -44.24 -5.08
C SER A 34 13.59 -43.43 -5.49
N TRP A 35 13.36 -42.34 -6.20
CA TRP A 35 14.31 -41.23 -6.28
C TRP A 35 14.81 -40.83 -4.91
N GLU A 36 16.10 -40.54 -4.85
CA GLU A 36 16.71 -40.01 -3.66
C GLU A 36 17.43 -38.75 -4.07
N SER A 37 17.25 -37.68 -3.31
CA SER A 37 18.00 -36.44 -3.54
C SER A 37 19.48 -36.69 -3.28
N PRO A 38 20.35 -36.42 -4.26
CA PRO A 38 21.75 -36.76 -4.10
C PRO A 38 22.53 -35.75 -3.24
N TYR A 39 21.94 -35.33 -2.12
CA TYR A 39 22.48 -34.28 -1.27
C TYR A 39 22.47 -34.87 0.13
N LYS A 40 23.60 -34.80 0.82
CA LYS A 40 23.72 -35.28 2.19
C LYS A 40 24.53 -34.34 3.05
N ILE A 41 24.18 -34.28 4.33
CA ILE A 41 25.03 -33.66 5.31
C ILE A 41 26.09 -34.71 5.70
N ALA A 42 27.35 -34.33 5.60
CA ALA A 42 28.46 -34.99 6.27
C ALA A 42 28.40 -34.70 7.76
N PRO A 43 27.82 -35.60 8.58
CA PRO A 43 27.37 -35.18 9.92
C PRO A 43 28.48 -34.63 10.80
N GLU A 44 29.67 -35.22 10.66
CA GLU A 44 30.85 -34.79 11.41
C GLU A 44 31.40 -33.39 11.07
N THR A 45 30.93 -32.75 10.00
CA THR A 45 31.19 -31.32 9.80
C THR A 45 30.20 -30.43 10.58
N GLY A 46 29.21 -31.05 11.19
CA GLY A 46 28.12 -30.32 11.78
C GLY A 46 28.52 -29.71 13.10
N SER A 47 28.16 -28.46 13.31
CA SER A 47 28.22 -27.95 14.65
C SER A 47 27.11 -26.96 14.91
N PHE A 48 26.75 -26.87 16.20
CA PHE A 48 25.69 -26.02 16.69
C PHE A 48 26.22 -25.15 17.81
N LYS A 49 26.07 -23.84 17.69
CA LYS A 49 26.40 -22.94 18.78
C LYS A 49 25.65 -21.61 18.66
N ASP A 50 25.01 -21.16 19.74
CA ASP A 50 24.46 -19.78 19.79
C ASP A 50 23.45 -19.50 18.68
N GLY A 51 22.51 -20.43 18.51
CA GLY A 51 21.41 -20.31 17.56
C GLY A 51 21.68 -20.69 16.11
N GLN A 52 22.80 -21.31 15.83
CA GLN A 52 23.21 -21.54 14.44
C GLN A 52 23.77 -22.95 14.26
N TYR A 53 23.18 -23.70 13.34
CA TYR A 53 23.80 -24.92 12.85
C TYR A 53 24.63 -24.60 11.61
N GLN A 54 25.75 -25.29 11.49
CA GLN A 54 26.61 -25.17 10.32
C GLN A 54 27.12 -26.54 9.92
N ALA A 55 27.11 -26.86 8.64
CA ALA A 55 27.67 -28.08 8.14
C ALA A 55 28.01 -27.96 6.67
N ILE A 56 28.48 -29.07 6.14
CA ILE A 56 28.78 -29.21 4.74
C ILE A 56 27.78 -30.17 4.20
N ILE A 57 27.12 -29.74 3.13
CA ILE A 57 26.33 -30.61 2.31
C ILE A 57 27.17 -31.12 1.16
N LEU A 58 27.19 -32.42 1.00
CA LEU A 58 27.89 -33.03 -0.11
C LEU A 58 26.87 -33.41 -1.15
N LYS A 59 27.08 -32.89 -2.38
CA LYS A 59 26.27 -33.26 -3.52
C LYS A 59 26.98 -34.27 -4.41
N THR A 60 26.33 -35.38 -4.70
CA THR A 60 26.90 -36.40 -5.59
C THR A 60 26.58 -36.03 -7.02
N ILE A 61 27.61 -35.76 -7.84
CA ILE A 61 27.43 -35.23 -9.17
C ILE A 61 27.58 -36.22 -10.34
N ASN A 62 27.89 -37.48 -10.08
CA ASN A 62 27.91 -38.50 -11.17
C ASN A 62 27.92 -39.90 -10.59
N ASP A 63 27.92 -40.93 -11.45
CA ASP A 63 27.89 -42.34 -10.97
C ASP A 63 29.20 -42.89 -10.47
N HIS A 64 30.28 -42.14 -10.62
CA HIS A 64 31.53 -42.43 -9.92
C HIS A 64 31.46 -42.14 -8.40
N GLY A 65 30.39 -41.48 -7.92
CA GLY A 65 30.32 -41.06 -6.51
C GLY A 65 31.12 -39.81 -6.19
N GLU A 66 31.58 -39.10 -7.21
CA GLU A 66 32.16 -37.80 -7.01
C GLU A 66 31.19 -36.73 -6.35
N THR A 67 31.77 -35.87 -5.49
CA THR A 67 31.01 -34.90 -4.69
C THR A 67 31.53 -33.48 -4.84
N VAL A 68 30.68 -32.49 -4.64
CA VAL A 68 31.11 -31.12 -4.37
C VAL A 68 30.53 -30.61 -3.05
N ARG A 69 31.21 -29.64 -2.46
CA ARG A 69 30.89 -29.15 -1.11
C ARG A 69 30.05 -27.83 -1.16
N LEU A 70 28.92 -27.88 -0.46
CA LEU A 70 27.88 -26.82 -0.48
C LEU A 70 27.63 -26.48 0.97
N PRO A 71 28.26 -25.42 1.44
CA PRO A 71 28.10 -25.09 2.86
C PRO A 71 26.65 -24.70 3.25
N LEU A 72 26.20 -25.27 4.37
CA LEU A 72 24.88 -25.14 4.92
C LEU A 72 24.92 -24.34 6.23
N THR A 73 24.16 -23.23 6.31
CA THR A 73 23.85 -22.54 7.58
C THR A 73 22.36 -22.54 7.88
N VAL A 74 22.00 -22.98 9.08
CA VAL A 74 20.65 -22.86 9.57
C VAL A 74 20.66 -22.00 10.84
N SER A 75 20.05 -20.82 10.77
CA SER A 75 20.00 -19.90 11.88
C SER A 75 18.63 -19.92 12.52
N PHE A 76 18.60 -19.90 13.85
CA PHE A 76 17.37 -19.82 14.59
C PHE A 76 17.29 -18.48 15.33
N LEU A 77 16.34 -17.62 14.95
CA LEU A 77 16.42 -16.19 15.28
C LEU A 77 15.56 -15.93 16.49
N GLU A 78 15.89 -14.87 17.21
CA GLU A 78 15.15 -14.51 18.45
C GLU A 78 13.65 -14.31 18.19
N SER A 79 13.29 -13.80 17.00
CA SER A 79 11.90 -13.66 16.60
C SER A 79 11.09 -14.97 16.55
N GLY A 80 11.77 -16.10 16.45
CA GLY A 80 11.09 -17.35 16.12
C GLY A 80 11.13 -17.76 14.67
N THR A 81 11.67 -16.90 13.83
CA THR A 81 11.94 -17.20 12.43
C THR A 81 13.21 -18.08 12.25
N ALA A 82 13.19 -19.04 11.32
CA ALA A 82 14.43 -19.73 10.90
C ALA A 82 14.89 -19.28 9.54
N ARG A 83 16.20 -19.26 9.35
CA ARG A 83 16.80 -19.03 8.08
C ARG A 83 17.68 -20.23 7.66
N VAL A 84 17.60 -20.60 6.37
CA VAL A 84 18.37 -21.68 5.79
C VAL A 84 19.07 -21.14 4.56
N THR A 85 20.39 -21.28 4.53
CA THR A 85 21.24 -20.79 3.44
C THR A 85 22.16 -21.90 2.99
N ILE A 86 22.32 -22.02 1.69
CA ILE A 86 23.19 -22.97 1.05
C ILE A 86 24.00 -22.24 -0.01
N ASP A 87 25.31 -22.19 0.17
CA ASP A 87 26.25 -21.66 -0.81
C ASP A 87 27.05 -22.85 -1.45
N GLU A 88 28.05 -22.51 -2.23
CA GLU A 88 28.86 -23.44 -3.02
C GLU A 88 30.33 -23.07 -2.77
N GLU A 89 31.06 -23.96 -2.08
CA GLU A 89 32.37 -23.63 -1.54
C GLU A 89 33.37 -23.31 -2.65
N LYS A 90 33.40 -24.13 -3.68
CA LYS A 90 34.22 -23.83 -4.87
C LYS A 90 34.11 -22.39 -5.39
N ARG A 91 32.89 -21.84 -5.41
CA ARG A 91 32.67 -20.47 -5.87
C ARG A 91 33.02 -19.47 -4.77
N GLN A 92 32.79 -19.79 -3.49
CA GLN A 92 33.26 -18.87 -2.43
C GLN A 92 34.75 -18.67 -2.57
N LYS A 93 35.47 -19.70 -3.02
CA LYS A 93 36.91 -19.62 -3.05
C LYS A 93 37.45 -19.16 -4.35
N GLY A 94 36.62 -18.84 -5.32
CA GLY A 94 37.16 -18.37 -6.58
C GLY A 94 37.72 -19.48 -7.48
N GLU A 95 37.55 -20.75 -7.11
CA GLU A 95 38.20 -21.85 -7.82
C GLU A 95 37.38 -22.31 -9.01
N ILE A 96 36.97 -21.36 -9.85
CA ILE A 96 36.28 -21.64 -11.10
C ILE A 96 36.84 -20.70 -12.13
N GLU A 97 36.48 -20.89 -13.40
CA GLU A 97 37.01 -20.04 -14.44
C GLU A 97 35.89 -19.63 -15.41
N LEU A 98 35.74 -18.34 -15.65
CA LEU A 98 34.62 -17.85 -16.44
C LEU A 98 34.95 -17.93 -17.90
N ARG A 99 33.94 -17.95 -18.75
CA ARG A 99 34.11 -17.98 -20.17
C ARG A 99 34.24 -16.58 -20.71
N HIS A 100 34.67 -16.49 -21.98
CA HIS A 100 34.74 -15.26 -22.74
C HIS A 100 35.59 -14.14 -22.12
N ASP A 101 36.55 -14.50 -21.28
CA ASP A 101 37.30 -13.56 -20.38
C ASP A 101 36.45 -12.56 -19.60
N SER A 102 35.28 -13.01 -19.14
CA SER A 102 34.40 -12.15 -18.36
C SER A 102 35.06 -11.76 -17.05
N LYS A 103 34.88 -10.49 -16.69
CA LYS A 103 35.25 -9.98 -15.38
C LYS A 103 34.13 -10.14 -14.36
N ALA A 104 33.07 -10.84 -14.73
CA ALA A 104 31.97 -11.02 -13.79
C ALA A 104 32.43 -11.71 -12.50
N ARG A 105 31.73 -11.46 -11.41
CA ARG A 105 32.06 -12.08 -10.12
C ARG A 105 31.89 -13.58 -10.17
N LYS A 106 32.79 -14.28 -9.49
CA LYS A 106 32.76 -15.73 -9.45
C LYS A 106 31.86 -16.26 -8.33
N GLU A 107 31.74 -15.52 -7.24
CA GLU A 107 30.94 -16.03 -6.15
C GLU A 107 29.44 -15.88 -6.45
N ARG A 108 28.65 -16.66 -5.73
CA ARG A 108 27.21 -16.56 -5.81
C ARG A 108 26.81 -15.28 -5.11
N TYR A 109 25.98 -14.48 -5.80
CA TYR A 109 25.52 -13.19 -5.33
C TYR A 109 24.96 -13.34 -3.96
N ASN A 110 25.45 -12.49 -3.09
CA ASN A 110 25.16 -12.59 -1.69
C ASN A 110 24.94 -11.22 -1.08
N GLU A 111 24.55 -10.23 -1.84
CA GLU A 111 24.29 -8.91 -1.28
C GLU A 111 22.78 -8.60 -1.26
N ALA A 112 21.93 -9.58 -1.54
CA ALA A 112 20.48 -9.34 -1.48
C ALA A 112 20.08 -8.97 -0.02
N GLU A 113 20.69 -9.63 0.96
CA GLU A 113 20.53 -9.29 2.36
C GLU A 113 20.77 -7.82 2.64
N GLN A 114 21.84 -7.31 2.09
CA GLN A 114 22.26 -5.98 2.41
C GLN A 114 21.30 -4.90 1.86
N TRP A 115 20.58 -5.19 0.77
CA TRP A 115 19.57 -4.30 0.20
C TRP A 115 18.22 -4.45 0.88
N VAL A 116 17.92 -5.65 1.38
CA VAL A 116 16.56 -6.01 1.77
C VAL A 116 16.42 -6.05 3.31
N ILE A 117 17.40 -6.64 4.01
CA ILE A 117 17.22 -6.93 5.41
C ILE A 117 17.64 -5.74 6.28
N VAL A 118 16.75 -5.30 7.16
CA VAL A 118 17.06 -4.13 8.01
C VAL A 118 16.92 -4.47 9.50
N GLY A 119 16.58 -5.68 9.87
CA GLY A 119 16.42 -5.97 11.30
C GLY A 119 16.10 -7.41 11.45
N GLY A 120 15.76 -7.84 12.65
CA GLY A 120 15.33 -9.20 12.87
C GLY A 120 16.38 -10.29 12.91
N MET A 121 17.65 -9.95 12.80
CA MET A 121 18.71 -10.97 12.55
C MET A 121 19.42 -11.46 13.83
N THR A 122 18.96 -11.06 15.00
CA THR A 122 19.56 -11.54 16.24
C THR A 122 19.32 -13.04 16.44
N LEU A 123 20.42 -13.79 16.65
CA LEU A 123 20.36 -15.23 16.97
C LEU A 123 19.78 -15.55 18.35
N ASP A 124 18.91 -16.54 18.39
CA ASP A 124 18.41 -17.07 19.64
C ASP A 124 19.45 -17.99 20.40
N LYS A 125 20.17 -17.43 21.37
CA LYS A 125 21.04 -18.27 22.25
C LYS A 125 20.27 -19.31 23.03
N GLY A 126 18.95 -19.17 23.12
CA GLY A 126 18.11 -20.17 23.78
C GLY A 126 17.64 -21.35 22.93
N ALA A 127 17.83 -21.31 21.61
CA ALA A 127 17.56 -22.50 20.80
C ALA A 127 18.54 -23.62 21.13
N LYS A 128 18.07 -24.85 21.22
CA LYS A 128 18.92 -25.95 21.65
C LYS A 128 18.61 -27.27 20.97
N VAL A 129 19.68 -27.98 20.64
CA VAL A 129 19.61 -29.36 20.17
C VAL A 129 18.96 -30.25 21.21
N ASP A 130 17.88 -30.90 20.82
CA ASP A 130 17.07 -31.76 21.66
C ASP A 130 17.33 -33.28 21.48
N TYR A 131 17.88 -33.70 20.34
CA TYR A 131 17.95 -35.13 19.95
C TYR A 131 18.81 -35.07 18.69
N GLU A 132 19.69 -36.03 18.50
CA GLU A 132 20.89 -35.81 17.69
C GLU A 132 21.64 -37.15 17.45
N ASP A 133 20.92 -38.19 17.01
CA ASP A 133 21.55 -39.44 16.54
C ASP A 133 22.31 -39.23 15.22
N LYS A 134 22.70 -40.31 14.56
CA LYS A 134 23.68 -40.17 13.49
C LYS A 134 23.01 -40.01 12.13
N THR A 135 21.72 -40.32 12.08
CA THR A 135 20.86 -40.00 10.94
C THR A 135 20.25 -38.59 10.89
N GLN A 136 20.18 -37.88 12.03
CA GLN A 136 19.33 -36.68 12.14
C GLN A 136 19.50 -35.90 13.46
N MET A 137 19.10 -34.62 13.45
CA MET A 137 18.96 -33.81 14.67
C MET A 137 17.71 -32.92 14.71
N THR A 138 17.21 -32.65 15.90
CA THR A 138 16.04 -31.82 16.11
C THR A 138 16.48 -30.66 17.00
N VAL A 139 16.21 -29.42 16.56
CA VAL A 139 16.50 -28.23 17.34
C VAL A 139 15.17 -27.67 17.82
N LYS A 140 15.12 -27.32 19.10
CA LYS A 140 13.99 -26.58 19.68
C LYS A 140 14.29 -25.10 19.66
N TYR A 141 13.28 -24.30 19.30
CA TYR A 141 13.45 -22.85 19.18
C TYR A 141 12.15 -22.10 19.31
N GLY A 142 12.22 -20.80 19.12
CA GLY A 142 11.03 -19.97 19.15
C GLY A 142 10.54 -19.78 20.57
N PRO A 143 9.37 -19.16 20.73
CA PRO A 143 8.92 -18.76 22.06
C PRO A 143 8.56 -20.00 22.92
N SER A 144 9.13 -20.03 24.12
CA SER A 144 8.99 -21.19 25.03
C SER A 144 9.39 -22.49 24.35
N SER A 145 10.33 -22.42 23.42
CA SER A 145 10.81 -23.62 22.74
C SER A 145 9.73 -24.49 22.09
N LYS A 146 8.65 -23.87 21.61
CA LYS A 146 7.55 -24.63 20.99
C LYS A 146 7.71 -24.83 19.46
N PHE A 147 8.76 -24.27 18.87
CA PHE A 147 9.07 -24.58 17.47
C PHE A 147 10.16 -25.67 17.40
N GLU A 148 10.07 -26.57 16.41
CA GLU A 148 11.12 -27.57 16.17
C GLU A 148 11.49 -27.68 14.70
N ALA A 149 12.77 -27.78 14.44
CA ALA A 149 13.23 -28.17 13.14
C ALA A 149 13.98 -29.52 13.19
N THR A 150 13.50 -30.50 12.44
CA THR A 150 14.22 -31.76 12.32
C THR A 150 15.00 -31.83 11.04
N ILE A 151 16.29 -31.77 11.20
CA ILE A 151 17.22 -31.87 10.09
C ILE A 151 17.71 -33.30 9.92
N LYS A 152 17.40 -33.90 8.78
CA LYS A 152 17.84 -35.25 8.43
C LYS A 152 18.99 -35.19 7.47
N PHE A 153 19.94 -36.11 7.65
CA PHE A 153 21.29 -35.96 7.06
C PHE A 153 21.38 -36.50 5.65
N ALA A 154 20.62 -37.52 5.32
CA ALA A 154 20.96 -38.42 4.22
C ALA A 154 19.73 -39.19 3.83
N PRO A 155 19.04 -38.77 2.78
CA PRO A 155 19.23 -37.55 2.03
C PRO A 155 18.84 -36.31 2.86
N PHE A 156 19.47 -35.18 2.62
CA PHE A 156 19.13 -33.95 3.34
C PHE A 156 17.65 -33.56 3.21
N SER A 157 17.01 -33.34 4.35
CA SER A 157 15.69 -32.70 4.43
C SER A 157 15.50 -31.94 5.76
N ILE A 158 14.54 -31.02 5.80
CA ILE A 158 14.19 -30.33 7.05
C ILE A 158 12.70 -30.33 7.24
N ASP A 159 12.24 -30.66 8.44
CA ASP A 159 10.83 -30.58 8.78
C ASP A 159 10.60 -29.56 9.90
N PHE A 160 9.71 -28.60 9.66
CA PHE A 160 9.56 -27.49 10.62
C PHE A 160 8.22 -27.71 11.28
N LYS A 161 8.22 -27.77 12.60
CA LYS A 161 7.09 -28.32 13.34
C LYS A 161 6.64 -27.35 14.41
N ARG A 162 5.37 -27.43 14.76
CA ARG A 162 4.86 -26.90 16.01
C ARG A 162 3.51 -27.56 16.30
N ASP A 163 3.04 -27.41 17.53
CA ASP A 163 1.68 -27.88 17.90
C ASP A 163 1.46 -29.38 17.59
N GLY A 164 2.50 -30.19 17.70
CA GLY A 164 2.39 -31.65 17.37
C GLY A 164 2.28 -32.07 15.91
N ALA A 165 2.81 -31.29 14.97
CA ALA A 165 2.84 -31.70 13.57
C ALA A 165 3.87 -30.90 12.75
N SER A 166 4.23 -31.49 11.62
CA SER A 166 4.93 -30.77 10.56
C SER A 166 4.00 -29.78 9.86
N HIS A 167 4.52 -28.58 9.65
CA HIS A 167 3.84 -27.53 8.87
C HIS A 167 4.53 -27.22 7.57
N ILE A 168 5.87 -27.16 7.60
CA ILE A 168 6.67 -26.86 6.41
C ILE A 168 7.79 -27.93 6.28
N LYS A 169 7.95 -28.52 5.10
CA LYS A 169 9.08 -29.42 4.80
C LYS A 169 9.90 -28.92 3.62
N PHE A 170 11.22 -28.89 3.79
CA PHE A 170 12.16 -28.71 2.71
C PHE A 170 12.61 -30.08 2.14
N ASN A 171 12.58 -30.23 0.81
CA ASN A 171 13.16 -31.42 0.13
C ASN A 171 12.43 -32.72 0.40
N ASP A 172 11.22 -32.65 0.93
CA ASP A 172 10.43 -33.86 1.09
C ASP A 172 10.23 -34.62 -0.23
N GLN A 173 10.05 -33.92 -1.35
CA GLN A 173 9.96 -34.59 -2.63
C GLN A 173 11.32 -34.72 -3.33
N GLY A 174 12.38 -34.17 -2.76
CA GLY A 174 13.71 -34.37 -3.25
C GLY A 174 14.13 -33.49 -4.41
N LEU A 175 13.65 -32.25 -4.46
CA LEU A 175 13.85 -31.42 -5.65
C LEU A 175 14.92 -30.40 -5.47
N LEU A 176 15.54 -30.42 -4.31
CA LEU A 176 16.71 -29.60 -4.07
C LEU A 176 17.66 -29.67 -5.26
N ASN A 177 18.03 -28.53 -5.81
CA ASN A 177 18.90 -28.52 -6.96
C ASN A 177 19.78 -27.30 -6.91
N ILE A 178 21.06 -27.51 -6.64
CA ILE A 178 22.06 -26.48 -6.76
C ILE A 178 22.96 -26.82 -7.95
N GLU A 179 22.86 -26.06 -9.04
CA GLU A 179 23.67 -26.34 -10.19
C GLU A 179 25.08 -25.87 -9.89
N HIS A 180 25.97 -26.83 -9.66
CA HIS A 180 27.38 -26.59 -9.38
C HIS A 180 28.15 -26.17 -10.62
N TRP A 181 29.22 -25.40 -10.44
CA TRP A 181 30.00 -24.93 -11.57
C TRP A 181 30.66 -26.10 -12.33
N ARG A 182 30.68 -25.99 -13.65
CA ARG A 182 31.31 -26.98 -14.52
C ARG A 182 31.78 -26.31 -15.79
N PRO A 183 32.93 -26.78 -16.31
CA PRO A 183 33.46 -26.29 -17.57
C PRO A 183 32.67 -26.75 -18.79
N LYS A 184 32.81 -26.02 -19.87
CA LYS A 184 32.31 -26.47 -21.15
C LYS A 184 33.34 -27.42 -21.78
N ILE A 185 33.05 -28.71 -21.84
CA ILE A 185 33.98 -29.70 -22.46
C ILE A 185 33.23 -30.48 -23.54
N ASP A 186 33.95 -31.31 -24.30
CA ASP A 186 33.33 -32.36 -25.19
C ASP A 186 32.85 -33.66 -24.49
N PRO A 187 32.28 -34.59 -25.28
CA PRO A 187 32.12 -35.97 -24.78
C PRO A 187 33.41 -36.80 -24.75
N GLU A 209 22.36 -36.35 -19.93
CA GLU A 209 21.71 -35.11 -19.49
C GLU A 209 21.82 -33.98 -20.51
N ASP A 210 20.67 -33.47 -20.93
CA ASP A 210 20.62 -32.50 -22.02
C ASP A 210 21.34 -31.24 -21.58
N ASP A 211 22.30 -30.79 -22.37
CA ASP A 211 23.07 -29.60 -22.04
C ASP A 211 22.87 -28.43 -23.01
N SER A 212 21.82 -28.46 -23.82
CA SER A 212 21.67 -27.46 -24.85
C SER A 212 21.30 -26.06 -24.30
N THR A 213 20.78 -25.96 -23.08
CA THR A 213 20.56 -24.65 -22.41
C THR A 213 21.64 -24.21 -21.39
N TRP A 214 22.77 -24.95 -21.30
CA TRP A 214 23.77 -24.68 -20.29
C TRP A 214 24.55 -23.41 -20.62
N TRP A 215 24.71 -23.13 -21.90
CA TRP A 215 25.66 -22.11 -22.33
C TRP A 215 24.88 -20.97 -22.99
N GLU A 216 25.41 -20.39 -24.08
CA GLU A 216 24.69 -19.34 -24.78
C GLU A 216 23.22 -19.71 -25.00
N GLU A 217 22.34 -18.71 -24.92
CA GLU A 217 20.91 -18.80 -25.26
C GLU A 217 20.48 -17.48 -25.89
N SER A 218 19.52 -17.57 -26.79
CA SER A 218 19.13 -16.49 -27.63
C SER A 218 17.62 -16.29 -27.45
N PHE A 219 17.18 -15.03 -27.45
CA PHE A 219 15.77 -14.67 -27.39
C PHE A 219 15.66 -13.18 -27.55
N GLY A 220 14.60 -12.74 -28.22
CA GLY A 220 14.30 -11.33 -28.39
C GLY A 220 15.37 -10.48 -29.03
N GLY A 221 16.12 -11.05 -29.96
CA GLY A 221 17.12 -10.27 -30.67
C GLY A 221 18.46 -10.31 -29.96
N ASN A 222 18.58 -11.09 -28.89
CA ASN A 222 19.74 -10.95 -28.01
C ASN A 222 20.34 -12.31 -27.73
N THR A 223 21.63 -12.36 -27.51
CA THR A 223 22.22 -13.59 -27.11
C THR A 223 22.95 -13.44 -25.79
N ASP A 224 22.60 -14.31 -24.86
CA ASP A 224 23.13 -14.25 -23.52
C ASP A 224 24.42 -15.02 -23.54
N SER A 225 25.54 -14.38 -23.24
CA SER A 225 26.89 -15.02 -23.33
C SER A 225 27.12 -16.04 -22.23
N LYS A 226 26.37 -15.96 -21.14
CA LYS A 226 26.37 -16.96 -20.07
C LYS A 226 27.78 -17.38 -19.57
N PRO A 227 28.58 -16.44 -19.12
CA PRO A 227 29.98 -16.71 -18.76
C PRO A 227 30.18 -17.68 -17.62
N ARG A 228 29.18 -17.93 -16.77
CA ARG A 228 29.35 -18.83 -15.66
C ARG A 228 28.76 -20.21 -15.95
N GLY A 229 28.00 -20.33 -17.02
CA GLY A 229 27.18 -21.51 -17.18
C GLY A 229 26.06 -21.60 -16.18
N PRO A 230 25.52 -22.82 -16.02
CA PRO A 230 24.40 -23.10 -15.19
C PRO A 230 24.74 -22.79 -13.79
N GLU A 231 23.82 -22.14 -13.07
CA GLU A 231 23.98 -21.95 -11.65
C GLU A 231 22.69 -21.81 -10.86
N SER A 232 21.58 -22.35 -11.33
CA SER A 232 20.32 -22.16 -10.58
C SER A 232 20.27 -22.88 -9.23
N VAL A 233 19.39 -22.40 -8.36
CA VAL A 233 19.14 -22.98 -7.05
C VAL A 233 17.63 -23.17 -6.93
N GLY A 234 17.18 -24.37 -6.57
CA GLY A 234 15.77 -24.65 -6.46
C GLY A 234 15.49 -25.59 -5.31
N LEU A 235 14.23 -25.68 -4.88
CA LEU A 235 13.85 -26.45 -3.70
C LEU A 235 12.36 -26.66 -3.68
N ASP A 236 11.91 -27.82 -3.21
CA ASP A 236 10.50 -28.06 -3.03
C ASP A 236 10.18 -27.73 -1.60
N ILE A 237 9.10 -26.97 -1.40
CA ILE A 237 8.65 -26.54 -0.08
C ILE A 237 7.20 -26.93 0.06
N SER A 238 6.91 -27.80 1.01
CA SER A 238 5.59 -28.33 1.19
C SER A 238 4.88 -27.69 2.36
N PHE A 239 3.65 -27.27 2.15
CA PHE A 239 2.85 -26.71 3.23
C PHE A 239 1.87 -27.76 3.63
N VAL A 240 2.20 -28.43 4.74
CA VAL A 240 1.58 -29.70 5.09
C VAL A 240 0.22 -29.43 5.71
N GLY A 241 -0.85 -29.91 5.08
CA GLY A 241 -2.18 -29.66 5.57
C GLY A 241 -2.74 -28.30 5.18
N TYR A 242 -2.12 -27.60 4.22
CA TYR A 242 -2.67 -26.31 3.80
C TYR A 242 -3.23 -26.42 2.40
N GLU A 243 -4.43 -25.87 2.22
CA GLU A 243 -5.07 -25.89 0.89
C GLU A 243 -4.97 -24.56 0.14
N HIS A 244 -4.64 -23.47 0.83
CA HIS A 244 -4.59 -22.15 0.24
C HIS A 244 -3.24 -21.53 0.49
N VAL A 245 -2.62 -21.03 -0.56
CA VAL A 245 -1.43 -20.23 -0.43
C VAL A 245 -1.59 -18.87 -1.11
N PHE A 246 -0.83 -17.88 -0.67
CA PHE A 246 -1.09 -16.50 -0.98
C PHE A 246 0.25 -15.84 -1.11
N GLY A 247 0.31 -14.76 -1.89
CA GLY A 247 1.48 -13.92 -1.97
C GLY A 247 2.13 -13.86 -3.35
N ILE A 248 3.46 -13.83 -3.35
CA ILE A 248 4.29 -13.61 -4.50
C ILE A 248 3.71 -12.65 -5.54
N PRO A 249 3.32 -11.44 -5.14
CA PRO A 249 2.98 -10.42 -6.11
C PRO A 249 4.23 -9.99 -6.86
N SER A 250 4.05 -9.43 -8.03
CA SER A 250 2.76 -8.95 -8.54
C SER A 250 2.26 -9.81 -9.76
N HIS A 251 1.02 -10.32 -9.69
CA HIS A 251 0.39 -11.07 -10.79
C HIS A 251 -1.09 -10.67 -10.90
N ALA A 252 -1.61 -10.62 -12.13
CA ALA A 252 -3.06 -10.58 -12.37
C ALA A 252 -3.65 -11.96 -12.15
N SER A 253 -4.03 -12.25 -10.91
CA SER A 253 -4.30 -13.59 -10.40
C SER A 253 -5.13 -13.40 -9.14
N PRO A 254 -5.83 -14.45 -8.73
CA PRO A 254 -6.47 -14.32 -7.47
C PRO A 254 -5.54 -14.23 -6.26
N LEU A 255 -6.12 -13.79 -5.14
CA LEU A 255 -5.42 -13.74 -3.90
C LEU A 255 -4.94 -15.13 -3.45
N SER A 256 -5.82 -16.11 -3.48
CA SER A 256 -5.46 -17.51 -3.27
C SER A 256 -4.92 -18.06 -4.58
N LEU A 257 -3.64 -18.42 -4.59
CA LEU A 257 -2.90 -18.63 -5.83
C LEU A 257 -3.31 -19.95 -6.45
N LYS A 258 -3.22 -20.02 -7.76
CA LYS A 258 -3.62 -21.21 -8.51
C LYS A 258 -2.53 -22.23 -8.64
N GLN A 259 -2.92 -23.45 -8.97
CA GLN A 259 -1.97 -24.45 -9.42
C GLN A 259 -1.48 -24.14 -10.83
N THR A 260 -0.30 -24.67 -11.10
CA THR A 260 0.52 -24.31 -12.27
C THR A 260 0.97 -25.50 -13.15
N ARG A 261 0.61 -26.73 -12.80
CA ARG A 261 0.97 -27.94 -13.62
C ARG A 261 -0.20 -28.47 -14.46
N GLY A 262 -1.10 -27.59 -14.88
CA GLY A 262 -2.15 -27.91 -15.84
C GLY A 262 -3.33 -28.59 -15.16
N GLY A 263 -4.35 -28.92 -15.93
CA GLY A 263 -5.62 -29.41 -15.39
C GLY A 263 -6.68 -28.31 -15.43
N GLU A 264 -7.93 -28.71 -15.39
CA GLU A 264 -9.06 -27.78 -15.47
C GLU A 264 -9.02 -26.71 -14.40
N GLY A 265 -9.11 -25.46 -14.80
CA GLY A 265 -9.05 -24.34 -13.85
C GLY A 265 -7.65 -23.90 -13.40
N ASN A 266 -6.60 -24.57 -13.87
CA ASN A 266 -5.26 -24.31 -13.36
C ASN A 266 -4.45 -23.64 -14.41
N TYR A 267 -3.40 -22.94 -14.03
CA TYR A 267 -2.41 -22.57 -15.01
C TYR A 267 -1.53 -23.78 -15.45
N ASN A 268 -0.77 -23.59 -16.54
CA ASN A 268 0.18 -24.59 -17.05
C ASN A 268 1.65 -24.20 -16.93
N GLU A 269 1.91 -22.94 -16.58
CA GLU A 269 3.26 -22.44 -16.37
C GLU A 269 3.38 -21.95 -14.97
N PRO A 270 4.60 -21.99 -14.41
CA PRO A 270 4.75 -21.55 -13.03
C PRO A 270 4.56 -20.06 -12.93
N TYR A 271 4.24 -19.58 -11.71
CA TYR A 271 4.30 -18.15 -11.43
C TYR A 271 5.71 -17.68 -11.63
N ARG A 272 5.85 -16.55 -12.29
CA ARG A 272 7.13 -16.01 -12.61
C ARG A 272 7.32 -14.65 -11.96
N MET A 273 8.52 -14.42 -11.43
CA MET A 273 8.92 -13.10 -10.99
C MET A 273 10.21 -12.70 -11.71
N TYR A 274 10.05 -11.76 -12.63
CA TYR A 274 11.12 -11.18 -13.42
C TYR A 274 10.72 -9.81 -13.87
N ASN A 275 10.90 -8.81 -13.03
CA ASN A 275 10.27 -7.51 -13.27
C ASN A 275 10.40 -7.07 -14.73
N ALA A 276 9.27 -6.84 -15.36
CA ALA A 276 9.25 -6.54 -16.78
C ALA A 276 8.16 -5.56 -17.14
N ASP A 277 8.41 -4.84 -18.23
CA ASP A 277 7.46 -3.90 -18.80
C ASP A 277 6.59 -4.64 -19.80
N VAL A 278 5.41 -5.07 -19.38
CA VAL A 278 4.58 -5.94 -20.16
C VAL A 278 3.44 -5.10 -20.75
N PHE A 279 3.50 -4.84 -22.05
CA PHE A 279 2.51 -3.94 -22.73
C PHE A 279 1.16 -4.64 -22.76
N GLU A 280 0.12 -3.96 -22.31
CA GLU A 280 -1.25 -4.53 -22.28
C GLU A 280 -1.35 -5.88 -21.61
N TYR A 281 -0.98 -5.94 -20.34
CA TYR A 281 -0.91 -7.24 -19.74
C TYR A 281 -2.31 -7.76 -19.60
N ILE A 282 -2.43 -9.08 -19.59
CA ILE A 282 -3.73 -9.75 -19.57
C ILE A 282 -4.16 -10.16 -18.17
N LEU A 283 -5.43 -10.45 -18.02
CA LEU A 283 -5.94 -11.00 -16.79
C LEU A 283 -5.66 -12.49 -16.62
N ASP A 284 -5.69 -12.90 -15.34
CA ASP A 284 -5.69 -14.30 -14.94
C ASP A 284 -4.56 -15.10 -15.64
N SER A 285 -3.33 -14.75 -15.27
CA SER A 285 -2.08 -15.26 -15.87
C SER A 285 -0.98 -15.32 -14.80
N PRO A 286 -0.16 -16.36 -14.81
CA PRO A 286 1.04 -16.40 -13.99
C PRO A 286 2.20 -15.65 -14.58
N MET A 287 1.99 -14.94 -15.67
CA MET A 287 3.07 -14.15 -16.24
C MET A 287 3.54 -13.03 -15.31
N THR A 288 4.82 -12.68 -15.42
CA THR A 288 5.40 -11.72 -14.52
C THR A 288 4.90 -10.36 -14.91
N LEU A 289 4.80 -9.48 -13.92
CA LEU A 289 4.53 -8.07 -14.17
C LEU A 289 5.73 -7.23 -13.75
N TYR A 290 5.52 -6.08 -13.17
CA TYR A 290 6.56 -5.09 -13.06
C TYR A 290 7.38 -5.22 -11.75
N GLY A 291 6.82 -5.83 -10.73
CA GLY A 291 7.56 -6.05 -9.51
C GLY A 291 7.32 -7.42 -8.91
N SER A 292 8.15 -7.77 -7.95
CA SER A 292 8.20 -9.12 -7.41
C SER A 292 8.55 -9.11 -5.91
N ILE A 293 7.80 -9.83 -5.10
CA ILE A 293 8.11 -9.98 -3.70
C ILE A 293 7.99 -11.48 -3.42
N PRO A 294 9.13 -12.21 -3.27
CA PRO A 294 9.08 -13.68 -3.22
C PRO A 294 8.76 -14.17 -1.82
N PHE A 295 7.54 -13.87 -1.38
CA PHE A 295 7.06 -14.13 -0.05
C PHE A 295 5.70 -14.80 -0.15
N MET A 296 5.58 -15.98 0.42
CA MET A 296 4.38 -16.79 0.32
C MET A 296 3.89 -17.18 1.70
N GLN A 297 2.57 -17.18 1.88
CA GLN A 297 1.95 -17.59 3.14
C GLN A 297 1.00 -18.68 2.83
N ALA A 298 0.75 -19.52 3.82
CA ALA A 298 -0.30 -20.52 3.69
C ALA A 298 -1.18 -20.44 4.89
N HIS A 299 -2.49 -20.54 4.71
CA HIS A 299 -3.44 -20.31 5.79
C HIS A 299 -4.44 -21.42 5.74
N ARG A 300 -4.76 -21.99 6.92
CA ARG A 300 -6.01 -22.69 7.15
C ARG A 300 -6.66 -22.18 8.44
N LYS A 301 -7.84 -22.69 8.72
CA LYS A 301 -8.50 -22.36 9.97
C LYS A 301 -7.56 -22.43 11.16
N ASP A 302 -7.35 -21.27 11.78
CA ASP A 302 -6.50 -21.11 12.96
C ASP A 302 -5.04 -21.55 12.86
N SER A 303 -4.48 -21.62 11.63
CA SER A 303 -3.03 -21.85 11.51
C SER A 303 -2.43 -21.20 10.27
N SER A 304 -1.34 -20.49 10.49
CA SER A 304 -0.66 -19.81 9.44
C SER A 304 0.83 -20.10 9.51
N VAL A 305 1.47 -20.18 8.33
CA VAL A 305 2.92 -20.22 8.20
C VAL A 305 3.31 -19.54 6.89
N GLY A 306 4.61 -19.37 6.65
CA GLY A 306 5.06 -18.69 5.46
C GLY A 306 6.53 -18.91 5.17
N ILE A 307 6.97 -18.60 3.95
CA ILE A 307 8.38 -18.48 3.71
C ILE A 307 8.73 -17.27 2.90
N PHE A 308 9.95 -16.80 3.04
CA PHE A 308 10.47 -15.74 2.22
C PHE A 308 11.75 -16.22 1.57
N TRP A 309 11.71 -16.26 0.25
CA TRP A 309 12.78 -16.78 -0.58
C TRP A 309 13.60 -15.59 -1.01
N LEU A 310 14.71 -15.35 -0.33
CA LEU A 310 15.45 -14.11 -0.55
C LEU A 310 16.47 -14.28 -1.64
N ASN A 311 16.02 -13.93 -2.86
CA ASN A 311 16.83 -14.11 -4.06
C ASN A 311 16.36 -13.11 -5.08
N ALA A 312 17.31 -12.39 -5.66
CA ALA A 312 17.04 -11.26 -6.54
C ALA A 312 17.06 -11.59 -8.04
N ALA A 313 17.38 -12.84 -8.35
CA ALA A 313 17.38 -13.30 -9.72
C ALA A 313 15.98 -13.71 -10.16
N GLU A 314 15.84 -13.85 -11.48
CA GLU A 314 14.67 -14.50 -12.04
C GLU A 314 14.24 -15.72 -11.25
N THR A 315 12.95 -15.77 -10.92
CA THR A 315 12.41 -16.78 -10.03
C THR A 315 11.05 -17.30 -10.52
N TRP A 316 10.88 -18.62 -10.48
CA TRP A 316 9.62 -19.25 -10.85
C TRP A 316 9.16 -20.08 -9.69
N VAL A 317 7.85 -20.20 -9.54
CA VAL A 317 7.30 -21.01 -8.48
C VAL A 317 6.14 -21.85 -9.05
N ASP A 318 6.32 -23.18 -9.06
CA ASP A 318 5.27 -24.13 -9.43
C ASP A 318 4.48 -24.52 -8.19
N ILE A 319 3.18 -24.71 -8.33
CA ILE A 319 2.26 -24.94 -7.19
C ILE A 319 1.36 -26.09 -7.56
N THR A 320 1.34 -27.11 -6.74
CA THR A 320 0.46 -28.25 -7.02
C THR A 320 -0.20 -28.65 -5.73
N LYS A 321 -1.41 -29.13 -5.83
CA LYS A 321 -2.12 -29.49 -4.61
C LYS A 321 -2.24 -30.97 -4.69
N GLY A 322 -1.83 -31.61 -3.62
CA GLY A 322 -1.34 -32.98 -3.66
C GLY A 322 -1.74 -33.63 -2.34
N LYS A 323 -0.97 -34.60 -1.89
CA LYS A 323 -1.28 -35.26 -0.63
C LYS A 323 0.04 -35.45 0.11
N ASP A 324 -0.03 -35.45 1.44
CA ASP A 324 1.17 -35.64 2.29
C ASP A 324 1.80 -37.06 2.19
N SER A 325 1.35 -37.88 1.24
CA SER A 325 1.99 -39.15 0.95
C SER A 325 2.62 -39.08 -0.45
N LYS A 326 3.90 -39.47 -0.51
CA LYS A 326 4.61 -39.55 -1.79
C LYS A 326 4.25 -40.80 -2.63
N ASN A 327 3.62 -41.80 -2.02
CA ASN A 327 3.31 -43.08 -2.67
C ASN A 327 1.94 -43.12 -3.35
N PRO A 328 1.75 -44.08 -4.28
CA PRO A 328 0.40 -44.50 -4.58
C PRO A 328 -0.20 -45.29 -3.41
N LEU A 329 -1.47 -45.00 -3.08
CA LEU A 329 -2.13 -45.56 -1.90
C LEU A 329 -3.28 -46.49 -2.27
N ALA A 330 -3.59 -47.41 -1.36
CA ALA A 330 -4.77 -48.27 -1.49
C ALA A 330 -6.11 -47.47 -1.49
N LEU A 331 -7.12 -48.03 -2.14
CA LEU A 331 -8.47 -47.51 -2.07
C LEU A 331 -8.82 -47.24 -0.64
N GLY A 332 -9.33 -46.04 -0.40
CA GLY A 332 -9.90 -45.71 0.89
C GLY A 332 -8.87 -45.25 1.91
N VAL A 333 -7.58 -45.25 1.57
CA VAL A 333 -6.56 -44.75 2.49
C VAL A 333 -6.38 -43.21 2.41
N LYS A 334 -6.62 -42.56 3.53
CA LYS A 334 -6.67 -41.11 3.60
C LYS A 334 -5.30 -40.48 3.69
N SER A 335 -5.16 -39.32 3.06
CA SER A 335 -3.96 -38.52 3.14
C SER A 335 -4.31 -37.04 3.44
N LYS A 336 -3.44 -36.30 4.13
CA LYS A 336 -3.68 -34.84 4.31
C LYS A 336 -3.53 -34.11 2.99
N ILE A 337 -4.37 -33.14 2.73
CA ILE A 337 -4.16 -32.35 1.53
C ILE A 337 -2.97 -31.44 1.79
N THR A 338 -2.09 -31.35 0.80
CA THR A 338 -0.83 -30.67 0.99
C THR A 338 -0.51 -29.83 -0.24
N THR A 339 -0.17 -28.54 -0.05
CA THR A 339 0.30 -27.71 -1.17
C THR A 339 1.78 -27.85 -1.36
N ARG A 340 2.19 -28.38 -2.52
CA ARG A 340 3.63 -28.58 -2.82
C ARG A 340 4.07 -27.44 -3.70
N THR A 341 5.10 -26.71 -3.32
CA THR A 341 5.59 -25.63 -4.15
C THR A 341 6.98 -25.96 -4.51
N HIS A 342 7.33 -25.58 -5.73
CA HIS A 342 8.70 -25.75 -6.28
C HIS A 342 9.29 -24.43 -6.74
N TRP A 343 10.31 -23.95 -6.06
CA TRP A 343 10.83 -22.60 -6.22
C TRP A 343 12.21 -22.73 -6.90
N PHE A 344 12.52 -21.92 -7.89
CA PHE A 344 13.82 -21.95 -8.47
C PHE A 344 14.19 -20.58 -9.05
N SER A 345 15.47 -20.22 -8.90
CA SER A 345 16.02 -18.91 -9.25
C SER A 345 17.29 -19.10 -10.07
N GLU A 346 17.57 -18.18 -10.97
CA GLU A 346 18.64 -18.36 -11.95
C GLU A 346 20.05 -18.48 -11.35
N SER A 347 20.32 -17.71 -10.32
CA SER A 347 21.62 -17.60 -9.73
C SER A 347 21.48 -17.15 -8.28
N GLY A 348 22.60 -16.86 -7.64
CA GLY A 348 22.63 -16.53 -6.21
C GLY A 348 22.66 -17.68 -5.20
N LEU A 349 22.54 -17.33 -3.92
CA LEU A 349 22.41 -18.29 -2.81
C LEU A 349 21.02 -18.81 -2.72
N LEU A 350 20.89 -20.05 -2.23
CA LEU A 350 19.60 -20.52 -1.76
C LEU A 350 19.47 -20.01 -0.35
N ASP A 351 18.45 -19.21 -0.12
CA ASP A 351 18.35 -18.43 1.10
C ASP A 351 16.85 -18.18 1.44
N VAL A 352 16.34 -18.86 2.44
CA VAL A 352 14.92 -18.94 2.70
C VAL A 352 14.70 -18.69 4.18
N PHE A 353 13.73 -17.82 4.50
CA PHE A 353 13.26 -17.71 5.89
C PHE A 353 11.99 -18.46 6.03
N VAL A 354 11.77 -19.02 7.21
CA VAL A 354 10.61 -19.82 7.56
C VAL A 354 9.90 -19.22 8.77
N PHE A 355 8.61 -18.99 8.61
CA PHE A 355 7.83 -18.26 9.61
C PHE A 355 6.78 -19.25 10.06
N LEU A 356 6.64 -19.42 11.36
CA LEU A 356 5.67 -20.39 11.85
C LEU A 356 4.48 -19.79 12.56
N GLY A 357 4.38 -18.48 12.61
CA GLY A 357 3.06 -17.88 12.92
C GLY A 357 2.85 -17.96 14.41
N PRO A 358 1.66 -18.38 14.88
CA PRO A 358 0.61 -19.13 14.16
C PRO A 358 -0.48 -18.28 13.48
N THR A 359 -0.45 -16.95 13.66
CA THR A 359 -1.49 -16.10 13.09
C THR A 359 -1.00 -15.34 11.87
N PRO A 360 -1.96 -14.88 11.04
CA PRO A 360 -1.61 -14.05 9.91
C PRO A 360 -0.85 -12.85 10.34
N LYS A 361 -1.26 -12.20 11.43
CA LYS A 361 -0.54 -11.03 11.89
C LYS A 361 0.89 -11.35 12.27
N ASP A 362 1.11 -12.46 12.98
CA ASP A 362 2.48 -12.90 13.32
C ASP A 362 3.42 -13.00 12.11
N ILE A 363 2.91 -13.58 11.04
CA ILE A 363 3.73 -13.82 9.87
C ILE A 363 4.09 -12.51 9.23
N ILE A 364 3.11 -11.64 9.03
CA ILE A 364 3.41 -10.40 8.33
C ILE A 364 4.29 -9.53 9.18
N SER A 365 4.02 -9.46 10.48
CA SER A 365 4.82 -8.61 11.30
C SER A 365 6.29 -9.08 11.48
N LYS A 366 6.53 -10.38 11.52
CA LYS A 366 7.89 -10.90 11.52
C LYS A 366 8.58 -10.61 10.19
N TYR A 367 7.82 -10.73 9.08
CA TYR A 367 8.35 -10.43 7.74
C TYR A 367 8.74 -8.97 7.70
N ALA A 368 7.90 -8.11 8.26
CA ALA A 368 8.20 -6.69 8.26
C ALA A 368 9.39 -6.30 9.15
N GLU A 369 9.61 -7.06 10.21
CA GLU A 369 10.76 -6.87 11.04
C GLU A 369 12.03 -7.11 10.25
N LEU A 370 12.03 -8.14 9.43
CA LEU A 370 13.20 -8.45 8.60
C LEU A 370 13.38 -7.47 7.46
N THR A 371 12.28 -7.15 6.73
CA THR A 371 12.45 -6.39 5.46
C THR A 371 12.02 -4.93 5.51
N GLY A 372 11.37 -4.54 6.61
CA GLY A 372 11.04 -3.14 6.83
C GLY A 372 9.53 -2.98 6.93
N THR A 373 9.10 -2.04 7.77
CA THR A 373 7.69 -1.62 7.71
C THR A 373 7.43 -0.57 6.61
N THR A 374 6.14 -0.26 6.39
CA THR A 374 5.74 0.88 5.57
C THR A 374 6.27 2.21 6.10
N ALA A 375 6.95 2.98 5.24
CA ALA A 375 7.40 4.32 5.63
C ALA A 375 6.23 5.18 6.02
N MET A 376 6.46 6.05 7.00
CA MET A 376 5.54 7.13 7.25
C MET A 376 5.41 7.99 5.97
N PRO A 377 4.20 8.08 5.41
CA PRO A 377 3.94 8.81 4.18
C PRO A 377 3.77 10.30 4.46
N GLN A 378 4.11 11.11 3.46
CA GLN A 378 3.51 12.39 3.32
C GLN A 378 2.00 12.20 3.39
N GLU A 379 1.39 12.90 4.34
CA GLU A 379 -0.04 12.83 4.53
C GLU A 379 -0.85 13.21 3.30
N PHE A 380 -0.38 14.15 2.51
CA PHE A 380 -1.10 14.51 1.31
C PHE A 380 -1.22 13.35 0.37
N SER A 381 -0.32 12.38 0.47
CA SER A 381 -0.25 11.36 -0.58
C SER A 381 -1.38 10.35 -0.41
N LEU A 382 -2.10 10.46 0.69
CA LEU A 382 -3.32 9.69 0.85
C LEU A 382 -4.53 10.33 0.15
N GLY A 383 -4.38 11.53 -0.36
CA GLY A 383 -5.54 12.17 -1.00
C GLY A 383 -5.72 11.68 -2.43
N TYR A 384 -6.52 12.42 -3.20
CA TYR A 384 -6.79 12.07 -4.58
C TYR A 384 -5.73 12.69 -5.49
N HIS A 385 -5.19 11.85 -6.38
CA HIS A 385 -4.11 12.21 -7.28
C HIS A 385 -4.69 12.23 -8.71
N GLN A 386 -4.44 13.30 -9.45
CA GLN A 386 -5.01 13.52 -10.78
C GLN A 386 -3.90 13.48 -11.80
N CYS A 387 -3.97 12.53 -12.72
CA CYS A 387 -2.90 12.35 -13.69
C CYS A 387 -3.44 11.95 -15.03
N ARG A 388 -2.63 12.16 -16.07
CA ARG A 388 -2.78 11.51 -17.35
C ARG A 388 -1.52 11.70 -18.14
N TRP A 389 -1.40 10.93 -19.21
CA TRP A 389 -0.37 11.16 -20.20
C TRP A 389 -0.95 12.01 -21.34
N ASN A 390 -0.77 13.33 -21.40
CA ASN A 390 -0.07 14.20 -20.50
C ASN A 390 -0.99 15.39 -20.27
N TYR A 391 -0.81 16.10 -19.17
CA TYR A 391 -1.16 17.52 -19.18
C TYR A 391 -0.10 18.26 -19.97
N VAL A 392 -0.52 19.05 -20.96
CA VAL A 392 0.36 19.41 -22.09
C VAL A 392 1.10 20.73 -21.86
N SER A 393 0.70 21.53 -20.88
CA SER A 393 1.35 22.82 -20.63
C SER A 393 1.09 23.22 -19.22
N ASP A 394 1.82 24.23 -18.77
CA ASP A 394 1.48 24.85 -17.50
C ASP A 394 0.10 25.38 -17.47
N GLU A 395 -0.39 25.87 -18.59
CA GLU A 395 -1.77 26.40 -18.60
C GLU A 395 -2.81 25.29 -18.51
N ASP A 396 -2.54 24.16 -19.15
CA ASP A 396 -3.44 23.02 -19.05
C ASP A 396 -3.54 22.64 -17.55
N VAL A 397 -2.40 22.59 -16.86
CA VAL A 397 -2.37 22.19 -15.46
C VAL A 397 -3.17 23.17 -14.62
N LYS A 398 -2.96 24.47 -14.84
CA LYS A 398 -3.68 25.48 -14.07
C LYS A 398 -5.18 25.45 -14.30
N ASP A 399 -5.58 25.10 -15.52
CA ASP A 399 -6.97 24.96 -15.91
C ASP A 399 -7.66 23.77 -15.23
N VAL A 400 -6.97 22.63 -15.19
CA VAL A 400 -7.49 21.48 -14.48
C VAL A 400 -7.68 21.78 -13.01
N ASP A 401 -6.70 22.46 -12.45
CA ASP A 401 -6.73 22.81 -11.05
C ASP A 401 -7.95 23.70 -10.72
N ARG A 402 -8.20 24.69 -11.56
CA ARG A 402 -9.34 25.61 -11.36
C ARG A 402 -10.68 24.90 -11.58
N LYS A 403 -10.71 23.99 -12.55
CA LYS A 403 -11.93 23.25 -12.83
C LYS A 403 -12.35 22.26 -11.72
N MET A 404 -11.38 21.61 -11.11
CA MET A 404 -11.69 20.82 -9.92
C MET A 404 -12.40 21.67 -8.86
N ASP A 405 -11.91 22.86 -8.60
CA ASP A 405 -12.53 23.73 -7.67
C ASP A 405 -13.90 24.23 -8.15
N LYS A 406 -14.01 24.51 -9.44
CA LYS A 406 -15.27 24.97 -9.99
C LYS A 406 -16.32 23.91 -9.84
N PHE A 407 -15.99 22.66 -10.07
CA PHE A 407 -16.92 21.54 -9.90
C PHE A 407 -16.92 20.90 -8.48
N ASN A 408 -16.28 21.55 -7.51
CA ASN A 408 -16.36 21.09 -6.10
C ASN A 408 -15.83 19.65 -5.88
N MET A 409 -14.81 19.28 -6.64
CA MET A 409 -14.21 17.98 -6.49
C MET A 409 -12.85 18.18 -5.83
N PRO A 410 -12.66 17.66 -4.62
CA PRO A 410 -11.41 17.80 -3.91
C PRO A 410 -10.28 16.99 -4.50
N TYR A 411 -9.06 17.48 -4.43
CA TYR A 411 -7.89 16.72 -4.85
C TYR A 411 -6.64 17.34 -4.21
N ASP A 412 -5.57 16.53 -4.13
CA ASP A 412 -4.34 16.97 -3.52
C ASP A 412 -3.16 17.20 -4.46
N VAL A 413 -3.08 16.43 -5.55
CA VAL A 413 -1.91 16.43 -6.35
C VAL A 413 -2.27 16.33 -7.82
N ILE A 414 -1.52 17.03 -8.67
CA ILE A 414 -1.60 16.85 -10.10
C ILE A 414 -0.25 16.42 -10.64
N TRP A 415 -0.27 15.58 -11.68
CA TRP A 415 0.87 14.77 -12.06
C TRP A 415 1.32 15.10 -13.49
N LEU A 416 2.64 15.21 -13.69
CA LEU A 416 3.24 15.41 -14.99
C LEU A 416 3.96 14.18 -15.49
N ASP A 417 3.37 13.56 -16.51
CA ASP A 417 4.00 12.49 -17.28
C ASP A 417 5.06 13.05 -18.28
N ILE A 418 5.65 12.18 -19.08
CA ILE A 418 6.97 12.42 -19.72
C ILE A 418 6.99 13.62 -20.66
N GLU A 419 5.83 14.10 -21.08
CA GLU A 419 5.82 15.23 -22.05
C GLU A 419 6.15 16.59 -21.45
N TYR A 420 6.29 16.70 -20.13
CA TYR A 420 6.78 17.97 -19.55
C TYR A 420 8.27 18.22 -19.83
N THR A 421 9.01 17.16 -20.17
CA THR A 421 10.44 17.29 -20.32
C THR A 421 10.79 17.99 -21.62
N ASP A 422 12.01 18.50 -21.69
CA ASP A 422 12.59 18.88 -22.97
C ASP A 422 13.15 17.67 -23.68
N GLU A 423 12.38 17.10 -24.60
CA GLU A 423 12.87 16.00 -25.46
C GLU A 423 13.28 14.75 -24.67
N LYS A 424 12.57 14.48 -23.58
CA LYS A 424 12.80 13.27 -22.77
C LYS A 424 14.15 13.25 -22.05
N LYS A 425 14.69 14.44 -21.83
CA LYS A 425 15.83 14.62 -20.91
C LYS A 425 15.30 14.88 -19.50
N TYR A 426 15.67 14.05 -18.54
CA TYR A 426 15.22 14.32 -17.18
C TYR A 426 16.01 15.46 -16.59
N PHE A 427 15.40 16.15 -15.63
CA PHE A 427 15.92 17.34 -15.01
C PHE A 427 15.84 18.55 -15.95
N THR A 428 14.95 18.50 -16.94
CA THR A 428 14.65 19.65 -17.75
C THR A 428 13.15 19.79 -17.87
N TRP A 429 12.78 20.95 -18.36
CA TRP A 429 11.42 21.32 -18.72
C TRP A 429 11.33 21.73 -20.19
N ASP A 430 10.26 21.36 -20.85
CA ASP A 430 10.00 21.91 -22.16
C ASP A 430 9.60 23.38 -21.99
N LYS A 431 10.45 24.31 -22.39
CA LYS A 431 10.20 25.74 -22.01
C LYS A 431 9.23 26.47 -22.98
N HIS A 432 8.98 25.88 -24.16
CA HIS A 432 7.76 26.18 -24.93
C HIS A 432 6.44 25.97 -24.18
N SER A 433 6.18 24.75 -23.72
CA SER A 433 4.91 24.38 -23.08
C SER A 433 4.85 24.63 -21.58
N PHE A 434 6.01 24.53 -20.92
CA PHE A 434 6.13 24.79 -19.49
C PHE A 434 7.06 25.98 -19.23
N LYS A 435 6.49 27.16 -19.35
CA LYS A 435 7.23 28.41 -19.39
C LYS A 435 7.47 28.87 -17.97
N ASP A 436 6.44 28.71 -17.12
CA ASP A 436 6.53 29.17 -15.76
C ASP A 436 6.21 28.03 -14.80
N PRO A 437 7.16 27.09 -14.60
CA PRO A 437 6.82 25.99 -13.72
C PRO A 437 6.68 26.40 -12.29
N ILE A 438 7.48 27.37 -11.84
CA ILE A 438 7.34 27.88 -10.46
C ILE A 438 5.97 28.49 -10.24
N GLY A 439 5.47 29.29 -11.19
CA GLY A 439 4.11 29.88 -11.11
C GLY A 439 2.99 28.84 -10.96
N MET A 440 3.11 27.75 -11.70
CA MET A 440 2.17 26.65 -11.64
C MET A 440 2.21 26.06 -10.26
N GLY A 441 3.43 25.83 -9.79
CA GLY A 441 3.71 25.33 -8.46
C GLY A 441 3.10 26.15 -7.33
N LYS A 442 3.35 27.46 -7.37
CA LYS A 442 2.70 28.40 -6.45
C LYS A 442 1.18 28.41 -6.51
N GLN A 443 0.59 28.30 -7.70
CA GLN A 443 -0.85 28.20 -7.74
C GLN A 443 -1.36 26.97 -6.94
N LEU A 444 -0.67 25.84 -7.12
CA LEU A 444 -1.04 24.62 -6.38
C LEU A 444 -0.89 24.86 -4.88
N GLU A 445 0.22 25.44 -4.49
CA GLU A 445 0.55 25.76 -3.09
C GLU A 445 -0.55 26.62 -2.39
N ALA A 446 -1.25 27.44 -3.16
CA ALA A 446 -2.27 28.30 -2.59
C ALA A 446 -3.42 27.52 -1.98
N HIS A 447 -3.67 26.30 -2.47
CA HIS A 447 -4.60 25.39 -1.79
C HIS A 447 -3.93 24.18 -1.18
N GLY A 448 -2.68 24.37 -0.82
CA GLY A 448 -1.87 23.31 -0.29
C GLY A 448 -1.82 22.03 -1.11
N ARG A 449 -1.88 22.16 -2.42
CA ARG A 449 -1.75 21.05 -3.33
C ARG A 449 -0.33 20.86 -3.83
N LYS A 450 -0.04 19.67 -4.38
CA LYS A 450 1.30 19.32 -4.82
C LYS A 450 1.36 18.97 -6.28
N LEU A 451 2.56 18.85 -6.77
CA LEU A 451 2.86 18.53 -8.15
C LEU A 451 3.79 17.32 -8.13
N VAL A 452 3.56 16.32 -8.95
CA VAL A 452 4.51 15.21 -9.05
C VAL A 452 5.01 15.18 -10.51
N THR A 453 6.33 15.03 -10.70
CA THR A 453 6.99 15.00 -12.00
C THR A 453 7.70 13.70 -12.18
N ILE A 454 7.57 13.10 -13.36
CA ILE A 454 8.14 11.80 -13.64
C ILE A 454 9.65 11.93 -13.91
N ILE A 455 10.42 11.02 -13.35
CA ILE A 455 11.84 10.93 -13.63
C ILE A 455 12.18 9.46 -13.73
N ASP A 456 12.76 9.04 -14.86
CA ASP A 456 13.09 7.63 -15.13
C ASP A 456 14.62 7.44 -15.17
N PRO A 457 15.08 6.18 -15.20
CA PRO A 457 16.50 5.92 -15.06
C PRO A 457 17.28 5.95 -16.37
N HIS A 458 16.59 6.14 -17.49
CA HIS A 458 17.24 6.25 -18.77
C HIS A 458 17.55 7.73 -19.05
N ILE A 459 18.81 7.97 -19.36
CA ILE A 459 19.34 9.29 -19.46
C ILE A 459 19.72 9.45 -20.95
N LYS A 460 19.16 10.46 -21.59
CA LYS A 460 19.34 10.62 -23.01
C LYS A 460 20.81 10.78 -23.40
N ASN A 461 21.21 9.97 -24.36
CA ASN A 461 22.54 10.02 -24.99
C ASN A 461 22.56 11.05 -26.12
N THR A 462 22.91 12.27 -25.77
CA THR A 462 22.87 13.38 -26.68
C THR A 462 23.84 14.42 -26.15
N ASN A 463 24.08 15.47 -26.90
CA ASN A 463 24.97 16.46 -26.38
C ASN A 463 24.27 17.70 -25.88
N ASN A 464 25.06 18.62 -25.34
CA ASN A 464 24.57 19.74 -24.51
C ASN A 464 23.66 19.32 -23.37
N TYR A 465 23.93 18.15 -22.81
CA TYR A 465 23.17 17.59 -21.72
C TYR A 465 24.10 17.15 -20.58
N PRO A 466 24.32 18.08 -19.65
CA PRO A 466 25.26 17.85 -18.59
C PRO A 466 25.01 16.60 -17.77
N VAL A 467 23.75 16.19 -17.62
CA VAL A 467 23.46 15.04 -16.80
C VAL A 467 24.13 13.79 -17.42
N VAL A 468 24.00 13.60 -18.74
CA VAL A 468 24.61 12.44 -19.36
C VAL A 468 26.14 12.55 -19.37
N ASP A 469 26.69 13.76 -19.50
CA ASP A 469 28.14 14.00 -19.37
C ASP A 469 28.67 13.50 -18.03
N GLU A 470 27.94 13.78 -16.96
CA GLU A 470 28.38 13.41 -15.63
C GLU A 470 28.15 11.94 -15.38
N LEU A 471 27.04 11.41 -15.88
CA LEU A 471 26.81 9.96 -15.79
C LEU A 471 28.03 9.23 -16.39
N LYS A 472 28.48 9.68 -17.55
CA LYS A 472 29.65 9.06 -18.20
C LYS A 472 30.96 9.34 -17.44
N SER A 473 31.23 10.59 -17.08
CA SER A 473 32.57 10.91 -16.59
C SER A 473 32.80 10.40 -15.15
N LYS A 474 31.72 10.13 -14.42
CA LYS A 474 31.85 9.55 -13.10
C LYS A 474 31.64 8.05 -13.12
N ASP A 475 31.36 7.52 -14.30
CA ASP A 475 31.28 6.08 -14.52
C ASP A 475 30.11 5.50 -13.71
N LEU A 476 28.94 6.07 -13.94
CA LEU A 476 27.75 5.82 -13.12
C LEU A 476 26.72 5.03 -13.89
N ALA A 477 27.04 4.64 -15.11
CA ALA A 477 26.10 3.96 -16.00
C ALA A 477 26.27 2.46 -15.92
N VAL A 478 25.22 1.72 -16.25
CA VAL A 478 25.29 0.26 -16.31
C VAL A 478 26.18 -0.15 -17.53
N LYS A 479 26.89 -1.26 -17.42
CA LYS A 479 27.85 -1.65 -18.44
C LYS A 479 27.40 -2.93 -19.14
N THR A 480 28.00 -3.21 -20.32
CA THR A 480 27.80 -4.51 -21.00
C THR A 480 28.69 -5.60 -20.46
N LYS A 481 28.56 -6.79 -21.03
CA LYS A 481 29.32 -7.97 -20.63
C LYS A 481 30.83 -7.79 -20.67
N ASP A 482 31.29 -6.85 -21.47
CA ASP A 482 32.74 -6.60 -21.68
C ASP A 482 33.16 -5.28 -21.06
N GLY A 483 32.28 -4.64 -20.29
CA GLY A 483 32.68 -3.51 -19.50
C GLY A 483 32.44 -2.18 -20.18
N SER A 484 31.97 -2.16 -21.42
CA SER A 484 31.70 -0.88 -22.08
C SER A 484 30.38 -0.36 -21.57
N ILE A 485 30.03 0.86 -21.93
CA ILE A 485 28.85 1.46 -21.34
C ILE A 485 27.69 0.84 -22.06
N PHE A 486 26.63 0.42 -21.36
CA PHE A 486 25.43 -0.09 -22.05
C PHE A 486 24.64 1.02 -22.71
N GLU A 487 24.14 0.76 -23.91
CA GLU A 487 23.36 1.72 -24.63
C GLU A 487 22.15 1.01 -25.18
N GLY A 488 21.01 1.69 -25.14
CA GLY A 488 19.76 1.11 -25.62
C GLY A 488 18.70 2.18 -25.81
N TRP A 489 17.51 1.77 -26.22
CA TRP A 489 16.46 2.63 -26.70
C TRP A 489 15.37 2.70 -25.61
N CYS A 490 14.98 3.90 -25.22
CA CYS A 490 13.72 4.08 -24.53
C CYS A 490 13.06 5.36 -25.05
N TRP A 491 12.25 6.04 -24.23
CA TRP A 491 11.56 7.27 -24.65
C TRP A 491 12.45 8.32 -25.31
N PRO A 492 13.66 8.60 -24.80
CA PRO A 492 14.49 9.60 -25.50
C PRO A 492 15.17 9.11 -26.77
N GLY A 493 14.92 7.88 -27.18
CA GLY A 493 15.74 7.24 -28.19
C GLY A 493 16.95 6.65 -27.49
N SER A 494 18.13 6.91 -28.07
CA SER A 494 19.34 6.33 -27.57
C SER A 494 19.58 6.86 -26.16
N SER A 495 19.95 5.96 -25.25
CA SER A 495 20.06 6.29 -23.83
C SER A 495 21.10 5.42 -23.13
N HIS A 496 21.59 5.91 -21.99
CA HIS A 496 22.26 5.05 -20.99
C HIS A 496 21.45 4.96 -19.71
N TRP A 497 21.80 4.03 -18.83
CA TRP A 497 21.04 3.83 -17.59
C TRP A 497 21.89 4.07 -16.36
N ILE A 498 21.35 4.79 -15.40
CA ILE A 498 22.01 4.89 -14.11
C ILE A 498 22.08 3.53 -13.42
N ASP A 499 23.26 3.26 -12.88
CA ASP A 499 23.47 2.07 -12.08
C ASP A 499 23.31 2.40 -10.62
N ALA A 500 22.07 2.36 -10.12
CA ALA A 500 21.80 2.75 -8.74
C ALA A 500 22.28 1.74 -7.71
N PHE A 501 22.75 0.60 -8.15
CA PHE A 501 23.61 -0.25 -7.26
C PHE A 501 24.90 0.43 -6.75
N ASN A 502 25.40 1.39 -7.51
CA ASN A 502 26.61 2.07 -7.12
C ASN A 502 26.29 3.23 -6.20
N PRO A 503 26.82 3.22 -4.97
CA PRO A 503 26.58 4.30 -4.03
C PRO A 503 26.97 5.62 -4.59
N ALA A 504 28.05 5.65 -5.36
CA ALA A 504 28.48 6.89 -5.96
C ALA A 504 27.39 7.45 -6.94
N ALA A 505 26.64 6.55 -7.57
CA ALA A 505 25.56 7.00 -8.47
C ALA A 505 24.38 7.53 -7.66
N ARG A 506 24.07 6.87 -6.55
CA ARG A 506 23.01 7.33 -5.65
C ARG A 506 23.32 8.71 -5.08
N GLU A 507 24.59 8.94 -4.78
CA GLU A 507 24.98 10.17 -4.14
C GLU A 507 25.01 11.31 -5.15
N TRP A 508 25.43 11.00 -6.37
CA TRP A 508 25.26 11.91 -7.49
C TRP A 508 23.79 12.27 -7.81
N TRP A 509 22.93 11.26 -7.85
CA TRP A 509 21.49 11.45 -8.09
C TRP A 509 20.92 12.44 -7.08
N LYS A 510 21.31 12.25 -5.83
CA LYS A 510 20.86 13.10 -4.74
C LYS A 510 21.10 14.53 -5.10
N GLY A 511 22.30 14.80 -5.60
CA GLY A 511 22.70 16.14 -5.92
C GLY A 511 21.84 16.81 -6.98
N LEU A 512 21.27 16.04 -7.88
CA LEU A 512 20.49 16.60 -9.00
C LEU A 512 19.11 17.17 -8.59
N PHE A 513 18.60 16.78 -7.45
CA PHE A 513 17.22 17.12 -7.10
C PHE A 513 17.14 18.37 -6.19
N LYS A 514 18.28 18.92 -5.74
CA LYS A 514 18.22 20.15 -4.91
C LYS A 514 17.44 21.18 -5.67
N TYR A 515 16.61 21.96 -4.99
CA TYR A 515 15.75 22.94 -5.70
C TYR A 515 16.57 23.93 -6.52
N ASP A 516 17.75 24.26 -6.01
CA ASP A 516 18.66 25.13 -6.73
C ASP A 516 19.23 24.49 -7.98
N LYS A 517 19.27 23.18 -8.08
CA LYS A 517 19.78 22.51 -9.28
C LYS A 517 18.70 22.12 -10.28
N PHE A 518 17.59 21.55 -9.77
CA PHE A 518 16.51 21.07 -10.62
C PHE A 518 15.60 22.25 -10.73
N LYS A 519 15.96 23.16 -11.60
CA LYS A 519 15.24 24.42 -11.75
C LYS A 519 13.81 24.13 -12.02
N GLY A 520 12.94 24.83 -11.32
CA GLY A 520 11.51 24.80 -11.65
C GLY A 520 10.77 23.90 -10.68
N THR A 521 11.50 23.25 -9.80
CA THR A 521 10.89 22.53 -8.70
C THR A 521 10.99 23.33 -7.42
N MET A 522 10.12 22.99 -6.49
CA MET A 522 10.00 23.70 -5.22
C MET A 522 9.44 22.74 -4.20
N GLU A 523 9.09 23.25 -3.04
CA GLU A 523 8.86 22.43 -1.85
C GLU A 523 7.65 21.49 -1.97
N ASN A 524 6.69 21.82 -2.83
CA ASN A 524 5.58 20.94 -3.07
C ASN A 524 5.70 20.05 -4.34
N THR A 525 6.92 19.93 -4.88
CA THR A 525 7.20 18.96 -5.94
C THR A 525 7.72 17.60 -5.44
N PHE A 526 7.08 16.54 -5.88
CA PHE A 526 7.53 15.20 -5.53
C PHE A 526 7.66 14.39 -6.79
N ILE A 527 7.97 13.08 -6.71
CA ILE A 527 8.55 12.39 -7.83
C ILE A 527 7.91 11.06 -8.11
N TRP A 528 7.78 10.75 -9.40
CA TRP A 528 7.29 9.47 -9.90
C TRP A 528 8.47 8.78 -10.59
N ASN A 529 8.80 7.58 -10.15
CA ASN A 529 9.82 6.76 -10.80
C ASN A 529 9.14 5.69 -11.62
N ASP A 530 9.47 5.63 -12.90
CA ASP A 530 8.88 4.68 -13.86
C ASP A 530 9.99 4.02 -14.70
N MET A 531 9.65 2.95 -15.39
CA MET A 531 10.47 2.32 -16.39
C MET A 531 11.71 1.75 -15.75
N ASN A 532 11.58 1.37 -14.46
CA ASN A 532 12.74 0.98 -13.66
C ASN A 532 12.88 -0.51 -13.44
N GLU A 533 12.26 -1.29 -14.31
CA GLU A 533 12.40 -2.73 -14.32
C GLU A 533 13.85 -3.28 -14.53
N PRO A 534 14.67 -2.67 -15.43
CA PRO A 534 14.49 -1.52 -16.28
C PRO A 534 13.85 -1.92 -17.63
N SER A 535 13.08 -0.99 -18.16
CA SER A 535 12.46 -1.12 -19.46
C SER A 535 13.42 -0.58 -20.54
N VAL A 536 13.79 -1.46 -21.46
CA VAL A 536 14.71 -1.14 -22.57
C VAL A 536 13.96 -1.59 -23.85
N PHE A 537 13.54 -0.66 -24.69
CA PHE A 537 12.57 -1.00 -25.76
C PHE A 537 13.09 -1.99 -26.82
N ASN A 538 14.39 -1.96 -27.09
CA ASN A 538 15.01 -2.95 -27.96
C ASN A 538 15.78 -4.03 -27.20
N GLY A 539 15.53 -4.20 -25.91
CA GLY A 539 16.16 -5.30 -25.17
C GLY A 539 15.29 -6.52 -25.22
N PRO A 540 15.85 -7.68 -24.86
CA PRO A 540 15.10 -8.92 -24.70
C PRO A 540 14.12 -8.90 -23.57
N GLU A 541 12.86 -9.12 -23.90
CA GLU A 541 11.76 -9.04 -22.96
C GLU A 541 11.61 -7.62 -22.49
N VAL A 542 12.00 -6.66 -23.35
CA VAL A 542 11.94 -5.23 -23.06
C VAL A 542 12.78 -4.89 -21.81
N THR A 543 13.87 -5.63 -21.55
CA THR A 543 14.74 -5.28 -20.46
C THR A 543 16.23 -5.46 -20.83
N MET A 544 17.11 -5.47 -19.86
CA MET A 544 18.52 -5.45 -20.16
C MET A 544 18.95 -6.88 -20.42
N PRO A 545 20.05 -7.03 -21.18
CA PRO A 545 20.67 -8.32 -21.32
C PRO A 545 21.14 -8.84 -19.98
N LYS A 546 21.04 -10.15 -19.79
CA LYS A 546 21.39 -10.77 -18.55
C LYS A 546 22.86 -10.70 -18.20
N ASP A 547 23.70 -10.44 -19.21
CA ASP A 547 25.14 -10.42 -18.98
C ASP A 547 25.68 -8.98 -18.91
N ASN A 548 24.79 -7.99 -18.86
CA ASN A 548 25.19 -6.65 -18.43
C ASN A 548 25.89 -6.72 -17.08
N LEU A 549 26.80 -5.78 -16.82
CA LEU A 549 27.51 -5.72 -15.53
C LEU A 549 27.10 -4.53 -14.70
N HIS A 550 26.89 -4.76 -13.40
CA HIS A 550 26.63 -3.72 -12.44
C HIS A 550 27.80 -3.58 -11.52
N HIS A 551 27.86 -2.43 -10.86
CA HIS A 551 28.70 -2.20 -9.69
C HIS A 551 28.93 -3.43 -8.81
N GLY A 552 30.19 -3.71 -8.51
CA GLY A 552 30.63 -4.94 -7.89
C GLY A 552 31.03 -6.01 -8.88
N ASN A 553 30.84 -5.73 -10.15
CA ASN A 553 30.84 -6.74 -11.23
C ASN A 553 29.85 -7.92 -11.09
N TRP A 554 28.72 -7.65 -10.48
CA TRP A 554 27.61 -8.57 -10.59
C TRP A 554 27.00 -8.54 -11.99
N GLU A 555 26.50 -9.70 -12.42
CA GLU A 555 25.73 -9.74 -13.65
C GLU A 555 24.32 -9.27 -13.34
N HIS A 556 23.74 -8.67 -14.34
CA HIS A 556 22.34 -8.28 -14.31
C HIS A 556 21.43 -9.42 -13.94
N ARG A 557 21.73 -10.62 -14.43
CA ARG A 557 20.99 -11.85 -14.00
C ARG A 557 20.93 -12.03 -12.48
N ASP A 558 22.01 -11.63 -11.82
CA ASP A 558 22.11 -11.79 -10.36
C ASP A 558 21.13 -10.85 -9.63
N VAL A 559 20.96 -9.66 -10.17
CA VAL A 559 20.38 -8.57 -9.40
C VAL A 559 19.08 -8.03 -10.00
N HIS A 560 18.60 -8.62 -11.10
CA HIS A 560 17.56 -7.98 -11.87
C HIS A 560 16.35 -7.49 -11.03
N ASN A 561 15.79 -8.34 -10.18
CA ASN A 561 14.60 -7.93 -9.47
C ASN A 561 14.82 -6.86 -8.42
N LEU A 562 16.08 -6.52 -8.15
CA LEU A 562 16.43 -5.48 -7.21
C LEU A 562 16.56 -4.14 -7.92
N ASN A 563 16.63 -4.16 -9.24
CA ASN A 563 17.02 -2.96 -9.99
C ASN A 563 16.04 -1.82 -9.72
N GLY A 564 14.75 -2.06 -9.81
CA GLY A 564 13.81 -0.96 -9.58
C GLY A 564 13.91 -0.32 -8.21
N MET A 565 14.05 -1.19 -7.24
CA MET A 565 14.22 -0.79 -5.86
C MET A 565 15.45 0.11 -5.64
N THR A 566 16.57 -0.24 -6.29
CA THR A 566 17.78 0.60 -6.13
C THR A 566 17.47 2.00 -6.62
N PHE A 567 16.73 2.10 -7.71
CA PHE A 567 16.40 3.37 -8.29
C PHE A 567 15.45 4.18 -7.39
N GLN A 568 14.44 3.52 -6.85
CA GLN A 568 13.54 4.21 -5.95
C GLN A 568 14.26 4.62 -4.68
N ASN A 569 15.18 3.78 -4.19
CA ASN A 569 16.04 4.13 -3.08
C ASN A 569 16.79 5.39 -3.36
N ALA A 570 17.42 5.46 -4.52
CA ALA A 570 18.14 6.67 -4.87
C ALA A 570 17.25 7.90 -4.84
N THR A 571 16.02 7.78 -5.36
CA THR A 571 15.20 8.94 -5.45
C THR A 571 14.69 9.30 -4.01
N TYR A 572 14.33 8.31 -3.22
CA TYR A 572 13.89 8.55 -1.83
C TYR A 572 14.92 9.41 -1.10
N HIS A 573 16.19 8.98 -1.15
CA HIS A 573 17.24 9.70 -0.43
C HIS A 573 17.45 11.11 -0.97
N ALA A 574 17.29 11.29 -2.27
CA ALA A 574 17.26 12.64 -2.84
C ALA A 574 16.19 13.59 -2.31
N LEU A 575 15.07 13.09 -1.79
CA LEU A 575 13.99 14.00 -1.38
C LEU A 575 13.97 14.30 0.10
N LEU A 576 14.82 13.63 0.87
CA LEU A 576 14.92 13.88 2.28
C LEU A 576 15.25 15.37 2.55
N SER A 577 16.09 15.93 1.71
CA SER A 577 16.62 17.29 1.92
C SER A 577 17.01 17.86 0.59
N ARG A 578 16.35 18.91 0.14
CA ARG A 578 16.67 19.53 -1.12
C ARG A 578 17.08 21.01 -1.00
N LYS A 579 17.25 21.46 0.23
CA LYS A 579 17.88 22.71 0.52
C LYS A 579 18.47 22.58 1.94
N PRO A 580 19.38 23.48 2.33
CA PRO A 580 19.91 23.47 3.69
C PRO A 580 18.81 23.53 4.79
N GLY A 581 18.91 22.69 5.81
CA GLY A 581 18.02 22.67 6.98
C GLY A 581 16.73 21.87 6.80
N GLU A 582 16.42 21.45 5.56
CA GLU A 582 15.25 20.63 5.27
C GLU A 582 15.53 19.18 5.61
N HIS A 583 14.60 18.56 6.33
CA HIS A 583 14.58 17.16 6.59
C HIS A 583 13.12 16.65 6.65
N ARG A 584 12.66 16.04 5.57
CA ARG A 584 11.26 15.71 5.45
C ARG A 584 11.02 14.36 4.72
N ARG A 585 9.77 13.92 4.79
CA ARG A 585 9.40 12.62 4.25
C ARG A 585 9.36 12.71 2.73
N PRO A 586 10.04 11.78 2.05
CA PRO A 586 9.84 11.63 0.62
C PRO A 586 8.41 11.16 0.26
N PHE A 587 7.97 11.54 -0.93
CA PHE A 587 7.01 10.78 -1.68
C PHE A 587 7.57 10.39 -3.05
N VAL A 588 7.70 9.10 -3.25
CA VAL A 588 8.08 8.51 -4.53
C VAL A 588 7.18 7.33 -4.90
N LEU A 589 6.55 7.41 -6.06
CA LEU A 589 5.87 6.29 -6.64
C LEU A 589 6.84 5.51 -7.52
N THR A 590 6.74 4.18 -7.44
CA THR A 590 7.54 3.32 -8.30
C THR A 590 6.66 2.38 -9.07
N ARG A 591 7.16 1.96 -10.23
CA ARG A 591 6.54 0.82 -10.93
C ARG A 591 7.10 -0.53 -10.54
N ALA A 592 8.42 -0.67 -10.62
CA ALA A 592 9.10 -1.93 -10.33
C ALA A 592 9.57 -1.87 -8.88
N PHE A 593 9.61 -3.03 -8.26
CA PHE A 593 9.82 -3.09 -6.82
C PHE A 593 10.26 -4.49 -6.43
N PHE A 594 10.72 -4.61 -5.20
CA PHE A 594 11.13 -5.90 -4.62
C PHE A 594 10.72 -5.85 -3.16
N ALA A 595 10.95 -6.94 -2.44
CA ALA A 595 10.87 -6.97 -0.96
C ALA A 595 11.69 -5.85 -0.35
N GLY A 596 11.09 -5.08 0.58
CA GLY A 596 11.75 -3.88 1.07
C GLY A 596 11.28 -2.55 0.50
N SER A 597 10.62 -2.55 -0.65
CA SER A 597 10.29 -1.31 -1.28
C SER A 597 9.21 -0.57 -0.48
N GLN A 598 8.51 -1.24 0.42
CA GLN A 598 7.60 -0.59 1.37
C GLN A 598 8.26 0.51 2.21
N ARG A 599 9.60 0.46 2.34
CA ARG A 599 10.35 1.51 3.01
C ARG A 599 10.49 2.77 2.20
N LEU A 600 10.18 2.73 0.91
CA LEU A 600 10.60 3.80 0.02
C LEU A 600 9.46 4.62 -0.57
N GLY A 601 8.22 4.15 -0.45
CA GLY A 601 7.12 4.83 -1.12
C GLY A 601 5.99 3.94 -1.53
N ALA A 602 5.35 4.32 -2.63
CA ALA A 602 4.14 3.65 -3.13
C ALA A 602 4.41 2.91 -4.43
N MET A 603 3.50 1.99 -4.76
CA MET A 603 3.47 1.33 -6.06
C MET A 603 2.07 1.43 -6.62
N TRP A 604 1.99 1.29 -7.94
CA TRP A 604 0.76 0.97 -8.58
C TRP A 604 0.93 -0.20 -9.55
N THR A 605 -0.18 -0.80 -9.95
CA THR A 605 -0.17 -2.00 -10.78
C THR A 605 0.08 -1.81 -12.28
N GLY A 606 0.55 -0.65 -12.70
CA GLY A 606 1.05 -0.44 -14.03
C GLY A 606 -0.06 -0.10 -15.00
N ASP A 607 0.15 -0.52 -16.24
CA ASP A 607 -0.67 -0.14 -17.39
C ASP A 607 -1.83 -1.14 -17.53
N ASN A 608 -2.82 -0.98 -16.69
CA ASN A 608 -4.05 -1.73 -16.79
C ASN A 608 -4.94 -1.17 -17.91
N THR A 609 -6.16 -1.67 -18.01
CA THR A 609 -7.07 -1.40 -19.13
C THR A 609 -8.44 -1.02 -18.65
N ALA A 610 -9.04 -0.06 -19.38
CA ALA A 610 -10.37 0.44 -19.06
C ALA A 610 -11.45 -0.54 -19.37
N ASP A 611 -11.62 -1.50 -18.48
CA ASP A 611 -12.62 -2.52 -18.65
C ASP A 611 -13.01 -3.14 -17.32
N TRP A 612 -14.23 -3.68 -17.28
CA TRP A 612 -14.80 -4.17 -16.08
C TRP A 612 -13.94 -5.27 -15.41
N GLY A 613 -13.36 -6.16 -16.22
CA GLY A 613 -12.60 -7.25 -15.69
C GLY A 613 -11.36 -6.76 -14.96
N TYR A 614 -10.79 -5.66 -15.44
CA TYR A 614 -9.63 -5.06 -14.78
C TYR A 614 -9.98 -4.32 -13.51
N LEU A 615 -11.17 -3.72 -13.48
CA LEU A 615 -11.67 -3.16 -12.24
C LEU A 615 -11.77 -4.25 -11.17
N LYS A 616 -12.46 -5.36 -11.49
CA LYS A 616 -12.57 -6.46 -10.52
C LYS A 616 -11.19 -6.97 -10.12
N ALA A 617 -10.33 -7.20 -11.11
CA ALA A 617 -8.96 -7.71 -10.83
C ALA A 617 -8.12 -6.82 -9.91
N SER A 618 -8.39 -5.52 -9.85
CA SER A 618 -7.53 -4.62 -9.12
C SER A 618 -7.58 -4.89 -7.64
N ILE A 619 -8.70 -5.44 -7.16
CA ILE A 619 -8.85 -5.57 -5.71
C ILE A 619 -8.04 -6.74 -5.17
N PRO A 620 -8.07 -7.91 -5.84
CA PRO A 620 -7.18 -8.94 -5.37
C PRO A 620 -5.69 -8.57 -5.56
N MET A 621 -5.35 -7.82 -6.59
CA MET A 621 -3.96 -7.38 -6.72
C MET A 621 -3.51 -6.48 -5.55
N VAL A 622 -4.32 -5.50 -5.23
CA VAL A 622 -3.94 -4.53 -4.23
C VAL A 622 -3.88 -5.18 -2.86
N LEU A 623 -4.78 -6.13 -2.61
CA LEU A 623 -4.75 -6.90 -1.40
C LEU A 623 -3.50 -7.75 -1.30
N SER A 624 -3.09 -8.39 -2.40
CA SER A 624 -1.92 -9.27 -2.35
C SER A 624 -0.68 -8.41 -2.05
N GLN A 625 -0.65 -7.17 -2.51
CA GLN A 625 0.43 -6.27 -2.12
C GLN A 625 0.53 -6.13 -0.61
N GLY A 626 -0.60 -5.98 0.06
CA GLY A 626 -0.61 -5.69 1.48
C GLY A 626 -0.17 -6.85 2.33
N ILE A 627 -0.64 -8.04 1.99
CA ILE A 627 -0.30 -9.20 2.76
C ILE A 627 1.12 -9.64 2.44
N ALA A 628 1.71 -9.08 1.40
CA ALA A 628 3.13 -9.29 1.14
C ALA A 628 4.00 -8.13 1.63
N GLY A 629 3.45 -7.29 2.49
CA GLY A 629 4.21 -6.31 3.23
C GLY A 629 4.53 -5.05 2.45
N PHE A 630 3.78 -4.77 1.38
CA PHE A 630 3.89 -3.52 0.67
C PHE A 630 2.47 -2.99 0.38
N PRO A 631 1.76 -2.52 1.42
CA PRO A 631 0.35 -2.11 1.22
C PRO A 631 0.09 -0.81 0.46
N PHE A 632 1.08 0.06 0.27
CA PHE A 632 0.85 1.38 -0.25
C PHE A 632 0.81 1.26 -1.74
N ALA A 633 -0.37 0.83 -2.20
CA ALA A 633 -0.61 0.24 -3.53
C ALA A 633 -1.98 0.74 -4.09
N GLY A 634 -2.06 0.77 -5.41
CA GLY A 634 -3.33 1.01 -6.07
C GLY A 634 -3.26 0.66 -7.54
N ALA A 635 -4.34 0.89 -8.25
CA ALA A 635 -4.35 0.71 -9.70
C ALA A 635 -4.95 1.97 -10.33
N ASP A 636 -4.69 2.19 -11.61
CA ASP A 636 -5.12 3.42 -12.25
C ASP A 636 -6.65 3.45 -12.34
N VAL A 637 -7.23 4.52 -11.81
CA VAL A 637 -8.65 4.66 -11.72
C VAL A 637 -9.15 5.09 -13.11
N GLY A 638 -10.06 4.27 -13.67
CA GLY A 638 -10.57 4.46 -15.01
C GLY A 638 -9.91 3.51 -15.98
N GLY A 639 -8.79 2.89 -15.57
CA GLY A 639 -8.00 2.08 -16.46
C GLY A 639 -7.02 2.88 -17.27
N PHE A 640 -5.80 2.38 -17.46
CA PHE A 640 -4.83 3.15 -18.22
C PHE A 640 -5.19 3.20 -19.72
N PHE A 641 -5.30 2.02 -20.36
CA PHE A 641 -5.59 1.93 -21.82
C PHE A 641 -7.08 2.09 -22.13
N GLY A 642 -7.43 2.87 -23.15
CA GLY A 642 -8.82 2.86 -23.63
C GLY A 642 -9.70 3.91 -22.95
N ASN A 643 -11.01 3.83 -23.19
CA ASN A 643 -11.95 4.85 -22.76
C ASN A 643 -13.07 4.21 -21.97
N PRO A 644 -13.10 4.43 -20.68
CA PRO A 644 -14.17 3.78 -19.93
C PRO A 644 -15.54 4.44 -20.17
N ASP A 645 -16.62 3.68 -20.17
CA ASP A 645 -17.95 4.24 -20.11
C ASP A 645 -18.12 5.02 -18.85
N LYS A 646 -19.12 5.88 -18.84
CA LYS A 646 -19.45 6.64 -17.66
C LYS A 646 -19.76 5.81 -16.47
N ASP A 647 -20.44 4.70 -16.64
CA ASP A 647 -20.76 3.89 -15.47
C ASP A 647 -19.49 3.16 -14.96
N LEU A 648 -18.61 2.72 -15.88
CA LEU A 648 -17.35 2.04 -15.51
C LEU A 648 -16.47 3.04 -14.76
N LEU A 649 -16.34 4.25 -15.28
CA LEU A 649 -15.58 5.30 -14.60
C LEU A 649 -16.13 5.62 -13.24
N THR A 650 -17.45 5.69 -13.14
CA THR A 650 -18.05 6.02 -11.87
C THR A 650 -17.78 4.92 -10.83
N ARG A 651 -18.02 3.65 -11.17
CA ARG A 651 -17.75 2.58 -10.28
C ARG A 651 -16.26 2.46 -9.94
N TRP A 652 -15.38 2.85 -10.87
CA TRP A 652 -13.97 2.82 -10.56
C TRP A 652 -13.59 3.84 -9.48
N TYR A 653 -14.17 5.03 -9.49
CA TYR A 653 -13.99 5.96 -8.37
C TYR A 653 -14.45 5.34 -7.07
N GLN A 654 -15.52 4.58 -7.07
CA GLN A 654 -16.01 4.04 -5.83
C GLN A 654 -15.16 2.90 -5.32
N THR A 655 -14.40 2.25 -6.21
CA THR A 655 -13.39 1.27 -5.78
C THR A 655 -12.10 1.96 -5.39
N GLY A 656 -11.72 2.96 -6.17
CA GLY A 656 -10.43 3.58 -5.99
C GLY A 656 -10.31 4.35 -4.69
N ILE A 657 -11.42 4.77 -4.12
CA ILE A 657 -11.33 5.41 -2.79
C ILE A 657 -10.92 4.47 -1.65
N PHE A 658 -10.79 3.17 -1.95
CA PHE A 658 -10.30 2.17 -1.01
C PHE A 658 -8.90 1.64 -1.35
N TYR A 659 -8.29 2.12 -2.42
CA TYR A 659 -6.88 1.88 -2.64
C TYR A 659 -6.02 2.77 -1.72
N PRO A 660 -5.02 2.20 -1.04
CA PRO A 660 -4.21 3.05 -0.24
C PRO A 660 -3.59 4.11 -1.08
N PHE A 661 -3.17 3.77 -2.31
CA PHE A 661 -2.71 4.82 -3.22
C PHE A 661 -3.72 5.03 -4.36
N PHE A 662 -4.26 6.26 -4.45
CA PHE A 662 -5.56 6.56 -5.18
C PHE A 662 -5.33 7.60 -6.27
N ARG A 663 -5.15 7.14 -7.49
CA ARG A 663 -4.77 7.99 -8.59
C ARG A 663 -5.55 7.63 -9.82
N ALA A 664 -6.08 8.65 -10.50
CA ALA A 664 -6.57 8.51 -11.85
C ALA A 664 -5.47 8.73 -12.89
N HIS A 665 -5.43 7.88 -13.92
CA HIS A 665 -4.41 8.01 -14.96
C HIS A 665 -4.98 7.49 -16.27
N ALA A 666 -4.40 7.89 -17.40
CA ALA A 666 -4.96 7.61 -18.74
C ALA A 666 -3.87 7.62 -19.81
N HIS A 667 -3.91 6.66 -20.73
CA HIS A 667 -2.94 6.55 -21.84
C HIS A 667 -3.05 7.74 -22.83
N ILE A 668 -1.96 8.04 -23.53
CA ILE A 668 -1.87 9.18 -24.47
C ILE A 668 -3.01 9.17 -25.54
N ASP A 669 -3.47 8.02 -25.97
CA ASP A 669 -4.60 7.95 -26.91
C ASP A 669 -5.97 8.05 -26.26
N ALA A 670 -6.11 7.91 -24.94
CA ALA A 670 -7.44 7.96 -24.32
C ALA A 670 -7.97 9.39 -24.36
N ARG A 671 -9.26 9.58 -24.55
CA ARG A 671 -9.85 10.91 -24.39
C ARG A 671 -9.66 11.47 -23.00
N ARG A 672 -9.70 12.79 -22.91
CA ARG A 672 -9.69 13.49 -21.63
C ARG A 672 -10.81 13.00 -20.74
N ARG A 673 -10.49 12.65 -19.50
CA ARG A 673 -11.51 12.17 -18.56
C ARG A 673 -11.27 12.63 -17.11
N GLU A 674 -10.70 13.81 -16.96
CA GLU A 674 -10.78 14.50 -15.68
C GLU A 674 -12.24 14.33 -15.21
N PRO A 675 -12.46 14.07 -13.90
CA PRO A 675 -13.75 13.55 -13.42
C PRO A 675 -14.95 14.48 -13.62
N TYR A 676 -14.73 15.80 -13.66
CA TYR A 676 -15.80 16.79 -13.93
C TYR A 676 -16.33 16.74 -15.39
N LEU A 677 -15.56 16.13 -16.31
CA LEU A 677 -16.02 15.93 -17.67
C LEU A 677 -17.02 14.83 -17.83
N THR A 678 -17.30 14.05 -16.79
CA THR A 678 -18.21 12.92 -16.91
C THR A 678 -19.66 13.39 -17.16
N GLY A 679 -20.06 14.52 -16.56
CA GLY A 679 -21.40 15.09 -16.68
C GLY A 679 -22.30 14.60 -15.57
N GLU A 680 -23.41 15.29 -15.35
CA GLU A 680 -24.37 14.87 -14.34
C GLU A 680 -25.17 13.69 -14.82
N PRO A 681 -25.68 12.91 -13.89
CA PRO A 681 -25.48 12.91 -12.43
C PRO A 681 -24.22 12.18 -11.93
N TYR A 682 -23.42 11.69 -12.86
CA TYR A 682 -22.14 11.01 -12.57
C TYR A 682 -21.21 11.91 -11.81
N ASN A 683 -21.08 13.17 -12.22
CA ASN A 683 -20.25 14.12 -11.49
C ASN A 683 -20.54 14.15 -9.99
N THR A 684 -21.82 14.16 -9.65
CA THR A 684 -22.22 14.12 -8.24
C THR A 684 -21.83 12.84 -7.50
N ILE A 685 -21.96 11.69 -8.15
CA ILE A 685 -21.65 10.41 -7.56
C ILE A 685 -20.14 10.35 -7.37
N ILE A 686 -19.41 10.78 -8.37
CA ILE A 686 -17.97 10.88 -8.27
C ILE A 686 -17.49 11.80 -7.16
N ALA A 687 -18.11 12.97 -7.04
CA ALA A 687 -17.72 13.87 -5.96
C ALA A 687 -18.02 13.31 -4.59
N ALA A 688 -19.13 12.58 -4.45
CA ALA A 688 -19.47 11.96 -3.17
C ALA A 688 -18.46 10.90 -2.73
N ALA A 689 -17.98 10.14 -3.67
CA ALA A 689 -16.92 9.19 -3.43
C ALA A 689 -15.61 9.91 -3.00
N LEU A 690 -15.18 10.90 -3.75
CA LEU A 690 -14.03 11.67 -3.33
C LEU A 690 -14.20 12.19 -1.90
N ARG A 691 -15.36 12.73 -1.61
CA ARG A 691 -15.54 13.34 -0.31
C ARG A 691 -15.60 12.32 0.77
N LEU A 692 -16.03 11.11 0.44
CA LEU A 692 -16.02 10.08 1.43
C LEU A 692 -14.58 9.73 1.77
N ARG A 693 -13.76 9.49 0.75
CA ARG A 693 -12.33 9.30 0.99
C ARG A 693 -11.73 10.39 1.89
N TYR A 694 -11.98 11.65 1.56
CA TYR A 694 -11.43 12.72 2.35
C TYR A 694 -11.95 12.71 3.77
N SER A 695 -13.23 12.43 3.98
N SER A 695 -13.25 12.44 3.96
CA SER A 695 -13.77 12.46 5.32
CA SER A 695 -13.80 12.45 5.31
C SER A 695 -13.13 11.37 6.17
C SER A 695 -13.13 11.37 6.16
N LEU A 696 -12.67 10.29 5.53
CA LEU A 696 -12.15 9.17 6.26
C LEU A 696 -10.63 9.30 6.41
N LEU A 697 -10.03 10.35 5.89
CA LEU A 697 -8.57 10.45 5.91
C LEU A 697 -7.90 10.28 7.28
N PRO A 698 -8.51 10.80 8.38
CA PRO A 698 -8.03 10.48 9.75
C PRO A 698 -7.86 9.02 10.10
N SER A 699 -8.88 8.24 9.77
CA SER A 699 -8.80 6.79 9.80
C SER A 699 -7.84 6.17 8.81
N TRP A 700 -7.78 6.66 7.59
CA TRP A 700 -6.76 6.15 6.62
C TRP A 700 -5.31 6.37 7.10
N TYR A 701 -5.02 7.55 7.61
CA TYR A 701 -3.71 7.85 8.09
C TYR A 701 -3.29 7.02 9.32
N THR A 702 -4.25 6.79 10.17
CA THR A 702 -4.07 5.88 11.24
C THR A 702 -3.80 4.45 10.77
N ALA A 703 -4.49 3.94 9.75
CA ALA A 703 -4.09 2.66 9.16
C ALA A 703 -2.64 2.61 8.60
N PHE A 704 -2.19 3.69 7.99
CA PHE A 704 -0.79 3.79 7.53
C PHE A 704 0.20 3.77 8.73
N ARG A 705 -0.19 4.37 9.83
CA ARG A 705 0.60 4.35 11.04
C ARG A 705 0.85 2.93 11.55
N HIS A 706 -0.20 2.15 11.61
CA HIS A 706 -0.04 0.76 11.94
C HIS A 706 0.77 -0.04 10.93
N ALA A 707 0.59 0.24 9.65
CA ALA A 707 1.46 -0.35 8.67
C ALA A 707 2.93 -0.01 9.01
N HIS A 708 3.16 1.22 9.48
CA HIS A 708 4.49 1.65 9.88
C HIS A 708 4.98 1.01 11.18
N LEU A 709 4.06 0.81 12.12
CA LEU A 709 4.44 0.33 13.41
C LEU A 709 4.89 -1.12 13.33
N ASP A 710 4.17 -1.95 12.60
CA ASP A 710 4.49 -3.36 12.58
C ASP A 710 4.04 -4.14 11.33
N GLY A 711 3.91 -3.44 10.20
CA GLY A 711 3.53 -4.04 8.93
C GLY A 711 2.10 -4.52 8.84
N THR A 712 1.20 -4.06 9.72
CA THR A 712 -0.19 -4.41 9.58
C THR A 712 -0.67 -3.91 8.22
N PRO A 713 -1.36 -4.75 7.45
CA PRO A 713 -1.89 -4.30 6.17
C PRO A 713 -2.90 -3.12 6.32
N ILE A 714 -2.96 -2.27 5.31
CA ILE A 714 -3.81 -1.10 5.31
C ILE A 714 -5.28 -1.48 5.04
N ILE A 715 -5.55 -2.18 3.97
CA ILE A 715 -6.79 -2.91 3.83
C ILE A 715 -6.50 -4.39 4.00
N LYS A 716 -7.45 -5.12 4.60
CA LYS A 716 -7.20 -6.43 5.14
C LYS A 716 -8.17 -7.44 4.58
N PRO A 717 -7.66 -8.55 4.05
CA PRO A 717 -8.54 -9.59 3.56
C PRO A 717 -9.09 -10.45 4.68
N MET A 718 -10.09 -11.24 4.34
CA MET A 718 -10.82 -12.03 5.31
C MET A 718 -9.95 -13.12 5.94
N PHE A 719 -8.95 -13.66 5.24
CA PHE A 719 -8.04 -14.58 5.92
C PHE A 719 -7.26 -13.91 7.05
N TYR A 720 -6.99 -12.60 6.90
CA TYR A 720 -6.22 -11.88 7.91
C TYR A 720 -7.09 -11.51 9.11
N THR A 721 -8.26 -10.95 8.85
CA THR A 721 -9.11 -10.51 9.94
C THR A 721 -9.80 -11.67 10.64
N HIS A 722 -10.09 -12.75 9.94
CA HIS A 722 -10.88 -13.80 10.50
C HIS A 722 -10.27 -15.14 10.24
N PRO A 723 -9.11 -15.39 10.84
CA PRO A 723 -8.44 -16.69 10.58
C PRO A 723 -9.22 -17.90 11.09
N SER A 724 -10.22 -17.72 11.96
CA SER A 724 -11.05 -18.86 12.41
C SER A 724 -12.09 -19.32 11.44
N GLU A 725 -12.26 -18.59 10.34
CA GLU A 725 -13.37 -18.81 9.40
C GLU A 725 -12.85 -19.35 8.07
N GLU A 726 -12.92 -20.66 7.95
CA GLU A 726 -12.49 -21.35 6.76
C GLU A 726 -13.08 -20.79 5.47
N ALA A 727 -14.37 -20.41 5.51
CA ALA A 727 -15.03 -19.98 4.28
C ALA A 727 -14.52 -18.62 3.77
N GLY A 728 -13.91 -17.84 4.66
CA GLY A 728 -13.23 -16.58 4.35
C GLY A 728 -11.95 -16.70 3.53
N LEU A 729 -11.34 -17.87 3.55
CA LEU A 729 -9.92 -18.00 3.12
C LEU A 729 -9.69 -17.50 1.70
N PRO A 730 -10.47 -18.01 0.72
CA PRO A 730 -10.25 -17.57 -0.63
C PRO A 730 -10.79 -16.16 -0.97
N ILE A 731 -11.61 -15.53 -0.12
CA ILE A 731 -12.38 -14.36 -0.55
C ILE A 731 -11.45 -13.17 -0.76
N ASP A 732 -11.61 -12.50 -1.90
CA ASP A 732 -10.74 -11.42 -2.28
C ASP A 732 -11.41 -10.24 -2.99
N ASP A 733 -12.69 -10.03 -2.73
CA ASP A 733 -13.46 -8.91 -3.32
C ASP A 733 -14.07 -7.99 -2.25
N GLN A 734 -13.69 -8.25 -1.02
CA GLN A 734 -14.11 -7.41 0.08
C GLN A 734 -12.97 -7.39 1.11
N PHE A 735 -12.99 -6.39 2.00
CA PHE A 735 -11.92 -6.13 2.93
C PHE A 735 -12.32 -5.14 4.01
N PHE A 736 -11.58 -5.17 5.11
CA PHE A 736 -11.65 -4.17 6.16
C PHE A 736 -10.60 -3.12 6.01
N ILE A 737 -10.93 -1.93 6.48
CA ILE A 737 -10.06 -0.77 6.42
C ILE A 737 -9.40 -0.58 7.78
N GLY A 738 -8.08 -0.75 7.80
CA GLY A 738 -7.29 -0.66 8.98
C GLY A 738 -7.99 -1.29 10.18
N ASN A 739 -8.23 -0.42 11.15
CA ASN A 739 -8.68 -0.74 12.46
C ASN A 739 -10.09 -0.21 12.72
N THR A 740 -10.84 0.10 11.67
CA THR A 740 -12.07 0.88 11.83
C THR A 740 -13.28 -0.02 12.00
N GLY A 741 -13.15 -1.30 11.64
CA GLY A 741 -14.31 -2.12 11.42
C GLY A 741 -15.14 -1.88 10.16
N LEU A 742 -14.71 -0.93 9.34
CA LEU A 742 -15.39 -0.72 8.05
C LEU A 742 -15.09 -1.83 7.07
N LEU A 743 -16.16 -2.51 6.65
CA LEU A 743 -16.13 -3.58 5.65
C LEU A 743 -16.69 -3.13 4.27
N ALA A 744 -15.82 -3.10 3.26
CA ALA A 744 -16.17 -2.54 1.98
C ALA A 744 -16.33 -3.66 0.99
N LYS A 745 -17.33 -3.57 0.14
CA LYS A 745 -17.35 -4.43 -0.99
C LYS A 745 -17.80 -3.67 -2.24
N PRO A 746 -16.83 -3.07 -2.94
CA PRO A 746 -17.20 -2.21 -4.06
C PRO A 746 -17.89 -2.98 -5.16
N VAL A 747 -18.80 -2.34 -5.91
CA VAL A 747 -19.40 -2.99 -7.09
C VAL A 747 -18.45 -2.97 -8.27
N THR A 748 -18.18 -4.15 -8.84
CA THR A 748 -17.23 -4.28 -9.93
C THR A 748 -17.77 -4.97 -11.19
N ASP A 749 -19.10 -5.16 -11.27
CA ASP A 749 -19.76 -5.69 -12.45
C ASP A 749 -20.67 -4.65 -13.13
N LYS A 750 -20.66 -4.69 -14.44
CA LYS A 750 -21.51 -3.88 -15.29
C LYS A 750 -22.98 -4.13 -14.99
N ASP A 751 -23.71 -3.03 -14.92
CA ASP A 751 -25.17 -3.01 -14.73
C ASP A 751 -25.65 -3.61 -13.42
N ARG A 752 -24.84 -3.70 -12.36
CA ARG A 752 -25.33 -4.38 -11.15
C ARG A 752 -25.99 -3.41 -10.26
N THR A 753 -27.06 -3.84 -9.59
CA THR A 753 -27.74 -2.94 -8.65
C THR A 753 -27.90 -3.54 -7.29
N SER A 754 -27.38 -4.73 -7.09
CA SER A 754 -27.16 -5.22 -5.73
C SER A 754 -25.81 -5.85 -5.59
N VAL A 755 -25.47 -6.14 -4.36
CA VAL A 755 -24.24 -6.76 -4.02
C VAL A 755 -24.51 -7.76 -2.91
N ASP A 756 -23.83 -8.90 -2.99
CA ASP A 756 -23.85 -9.91 -1.90
C ASP A 756 -22.58 -9.84 -1.10
N ILE A 757 -22.67 -9.53 0.18
CA ILE A 757 -21.51 -9.44 1.03
C ILE A 757 -21.50 -10.62 1.96
N TRP A 758 -20.30 -11.17 2.20
CA TRP A 758 -20.12 -12.24 3.15
C TRP A 758 -19.86 -11.59 4.50
N ILE A 759 -20.74 -11.86 5.45
CA ILE A 759 -20.63 -11.35 6.80
C ILE A 759 -19.78 -12.33 7.58
N PRO A 760 -18.59 -11.91 8.03
CA PRO A 760 -17.59 -12.85 8.53
C PRO A 760 -17.96 -13.59 9.84
N ASP A 761 -18.80 -12.98 10.67
CA ASP A 761 -18.97 -13.44 12.04
C ASP A 761 -20.34 -13.06 12.59
N SER A 762 -20.52 -13.18 13.91
CA SER A 762 -21.83 -13.03 14.57
C SER A 762 -22.08 -11.61 15.13
N GLU A 763 -21.16 -10.70 14.91
CA GLU A 763 -21.27 -9.32 15.39
C GLU A 763 -22.33 -8.63 14.59
N VAL A 764 -22.83 -7.52 15.11
CA VAL A 764 -23.80 -6.67 14.39
C VAL A 764 -23.02 -5.83 13.40
N TYR A 765 -23.57 -5.68 12.20
CA TYR A 765 -23.06 -4.83 11.13
C TYR A 765 -24.17 -3.86 10.71
N TYR A 766 -23.79 -2.62 10.38
CA TYR A 766 -24.68 -1.49 10.07
C TYR A 766 -24.28 -0.85 8.78
N ASP A 767 -25.25 -0.41 8.00
CA ASP A 767 -24.89 0.30 6.77
C ASP A 767 -24.26 1.65 7.16
N TYR A 768 -23.15 2.00 6.52
CA TYR A 768 -22.43 3.24 6.85
C TYR A 768 -23.27 4.49 6.70
N PHE A 769 -24.09 4.51 5.67
CA PHE A 769 -24.84 5.67 5.23
C PHE A 769 -26.21 5.73 5.86
N THR A 770 -26.88 4.61 6.06
CA THR A 770 -28.26 4.66 6.56
C THR A 770 -28.42 4.20 8.01
N TYR A 771 -27.38 3.55 8.55
CA TYR A 771 -27.38 2.86 9.83
C TYR A 771 -28.38 1.73 9.92
N ASP A 772 -28.82 1.16 8.80
CA ASP A 772 -29.68 -0.03 8.83
C ASP A 772 -28.88 -1.21 9.38
N ILE A 773 -29.52 -2.03 10.21
CA ILE A 773 -28.91 -3.23 10.73
C ILE A 773 -28.92 -4.21 9.62
N ILE A 774 -27.78 -4.75 9.23
CA ILE A 774 -27.73 -5.73 8.13
C ILE A 774 -27.91 -7.17 8.65
N SER A 775 -28.81 -7.93 8.04
CA SER A 775 -29.39 -9.12 8.72
C SER A 775 -28.83 -10.49 8.25
N LYS A 778 -24.70 -13.90 12.82
CA LYS A 778 -23.95 -15.07 12.34
C LYS A 778 -23.54 -14.95 10.84
N SER A 779 -22.41 -15.58 10.48
CA SER A 779 -21.81 -15.45 9.12
C SER A 779 -22.65 -16.20 8.04
N LYS A 780 -22.50 -15.81 6.76
CA LYS A 780 -23.59 -15.82 5.79
C LYS A 780 -23.54 -14.64 4.83
N THR A 781 -24.34 -14.75 3.78
CA THR A 781 -24.37 -13.82 2.70
C THR A 781 -25.55 -12.89 2.88
N ALA A 782 -25.32 -11.57 2.84
CA ALA A 782 -26.40 -10.60 2.91
C ALA A 782 -26.43 -9.94 1.60
N THR A 783 -27.64 -9.78 1.07
CA THR A 783 -27.85 -9.02 -0.13
C THR A 783 -28.25 -7.57 0.16
N LEU A 784 -27.58 -6.63 -0.48
CA LEU A 784 -27.76 -5.22 -0.22
C LEU A 784 -28.12 -4.52 -1.54
N ASP A 785 -28.82 -3.41 -1.39
CA ASP A 785 -29.15 -2.54 -2.49
C ASP A 785 -27.89 -1.78 -2.88
N ALA A 786 -27.58 -1.74 -4.18
CA ALA A 786 -26.35 -1.07 -4.60
C ALA A 786 -26.49 -0.47 -5.96
N PRO A 787 -27.39 0.51 -6.11
CA PRO A 787 -27.48 1.19 -7.38
C PRO A 787 -26.16 1.93 -7.71
N LEU A 788 -26.08 2.52 -8.88
CA LEU A 788 -24.87 3.22 -9.28
C LEU A 788 -24.41 4.25 -8.26
N GLU A 789 -25.35 4.92 -7.59
CA GLU A 789 -25.00 6.00 -6.67
C GLU A 789 -24.58 5.51 -5.32
N LYS A 790 -24.55 4.21 -5.10
CA LYS A 790 -24.34 3.72 -3.78
C LYS A 790 -23.05 2.91 -3.63
N ILE A 791 -22.35 3.14 -2.53
CA ILE A 791 -21.12 2.40 -2.13
C ILE A 791 -21.43 1.42 -1.01
N PRO A 792 -21.23 0.09 -1.25
CA PRO A 792 -21.46 -0.86 -0.16
C PRO A 792 -20.34 -0.87 0.89
N LEU A 793 -20.68 -0.32 2.03
CA LEU A 793 -19.76 -0.09 3.09
C LEU A 793 -20.53 -0.34 4.38
N LEU A 794 -20.07 -1.29 5.17
CA LEU A 794 -20.71 -1.58 6.43
C LEU A 794 -19.82 -1.24 7.59
N MET A 795 -20.44 -1.05 8.75
CA MET A 795 -19.74 -0.85 10.02
C MET A 795 -19.95 -2.04 10.92
N ARG A 796 -18.87 -2.69 11.34
CA ARG A 796 -18.88 -3.71 12.38
C ARG A 796 -18.96 -3.11 13.79
N GLY A 797 -19.87 -3.67 14.58
CA GLY A 797 -19.92 -3.46 15.99
C GLY A 797 -18.62 -3.74 16.67
N GLY A 798 -18.34 -2.95 17.69
CA GLY A 798 -17.18 -3.16 18.51
C GLY A 798 -16.06 -2.19 18.20
N HIS A 799 -16.30 -1.18 17.34
CA HIS A 799 -15.23 -0.29 16.93
C HIS A 799 -15.52 1.18 17.11
N VAL A 800 -14.46 1.96 17.25
CA VAL A 800 -14.49 3.43 17.17
C VAL A 800 -13.62 3.87 16.02
N PHE A 801 -14.15 4.72 15.14
CA PHE A 801 -13.28 5.42 14.19
C PHE A 801 -13.55 6.93 14.09
N ALA A 802 -12.53 7.64 13.67
CA ALA A 802 -12.59 9.07 13.53
C ALA A 802 -12.75 9.45 12.06
N ARG A 803 -13.45 10.55 11.85
CA ARG A 803 -13.55 11.16 10.55
C ARG A 803 -13.66 12.67 10.70
N ARG A 804 -13.54 13.36 9.57
CA ARG A 804 -13.75 14.80 9.50
C ARG A 804 -14.95 15.09 8.57
N ASP A 805 -16.01 15.67 9.11
CA ASP A 805 -17.26 15.84 8.35
C ASP A 805 -17.28 17.05 7.41
N ILE A 806 -16.46 18.07 7.66
CA ILE A 806 -16.46 19.27 6.86
C ILE A 806 -15.68 19.00 5.57
N PRO A 807 -16.34 19.19 4.39
CA PRO A 807 -15.59 19.05 3.17
C PRO A 807 -14.68 20.25 2.93
N ARG A 808 -13.58 19.98 2.25
CA ARG A 808 -12.63 20.99 1.93
C ARG A 808 -12.04 20.72 0.60
N ARG A 809 -11.32 21.68 0.06
CA ARG A 809 -10.79 21.54 -1.31
C ARG A 809 -9.57 20.60 -1.41
N SER A 810 -8.92 20.36 -0.27
CA SER A 810 -7.77 19.48 -0.23
C SER A 810 -7.48 19.05 1.21
N SER A 811 -6.61 18.06 1.38
CA SER A 811 -6.38 17.51 2.72
C SER A 811 -5.68 18.56 3.61
N ALA A 812 -4.84 19.41 3.03
CA ALA A 812 -4.19 20.44 3.83
C ALA A 812 -5.18 21.44 4.49
N LEU A 813 -6.28 21.74 3.81
CA LEU A 813 -7.27 22.71 4.28
C LEU A 813 -8.17 22.08 5.33
N MET A 814 -7.95 20.79 5.61
CA MET A 814 -8.63 20.06 6.68
C MET A 814 -7.86 20.05 7.99
N LYS A 815 -6.59 20.44 7.93
CA LYS A 815 -5.61 20.20 9.01
C LYS A 815 -6.09 20.70 10.34
N TRP A 816 -6.85 21.79 10.36
CA TRP A 816 -7.24 22.38 11.62
C TRP A 816 -8.71 22.18 11.97
N ASP A 817 -9.38 21.28 11.28
CA ASP A 817 -10.82 21.07 11.50
C ASP A 817 -11.11 20.06 12.59
N PRO A 818 -12.31 20.11 13.18
CA PRO A 818 -12.62 19.21 14.26
C PRO A 818 -12.95 17.82 13.79
N TYR A 819 -12.79 16.86 14.71
CA TYR A 819 -13.07 15.48 14.46
C TYR A 819 -14.42 15.07 14.96
N THR A 820 -14.99 14.08 14.27
CA THR A 820 -16.15 13.33 14.72
C THR A 820 -15.63 11.94 15.05
N LEU A 821 -16.04 11.40 16.20
CA LEU A 821 -15.85 9.98 16.52
C LEU A 821 -17.11 9.23 16.30
N VAL A 822 -17.00 8.12 15.60
CA VAL A 822 -18.14 7.26 15.40
C VAL A 822 -17.91 5.98 16.24
N VAL A 823 -18.87 5.69 17.14
CA VAL A 823 -18.73 4.66 18.12
C VAL A 823 -19.77 3.64 17.72
N VAL A 824 -19.33 2.46 17.30
CA VAL A 824 -20.25 1.50 16.74
C VAL A 824 -20.41 0.35 17.72
N LEU A 825 -21.60 0.19 18.28
CA LEU A 825 -21.78 -0.76 19.34
C LEU A 825 -22.35 -2.05 18.84
N GLY A 826 -21.81 -3.13 19.36
CA GLY A 826 -22.28 -4.46 19.00
C GLY A 826 -23.04 -5.18 20.10
N ASN A 827 -22.95 -6.50 20.01
CA ASN A 827 -23.58 -7.39 20.94
C ASN A 827 -23.21 -7.09 22.39
N ASP A 828 -21.97 -6.69 22.66
CA ASP A 828 -21.44 -6.55 24.03
C ASP A 828 -21.49 -5.14 24.66
N ARG A 829 -22.05 -4.17 23.94
CA ARG A 829 -21.98 -2.74 24.33
C ARG A 829 -20.55 -2.22 24.57
N LYS A 830 -19.58 -2.76 23.87
CA LYS A 830 -18.20 -2.33 24.01
C LYS A 830 -17.68 -1.92 22.63
N ALA A 831 -16.71 -1.04 22.61
CA ALA A 831 -16.03 -0.73 21.38
C ALA A 831 -14.67 -0.17 21.68
N GLU A 832 -13.78 -0.30 20.73
CA GLU A 832 -12.45 0.25 20.91
C GLU A 832 -11.92 0.76 19.55
N GLY A 833 -11.07 1.79 19.53
CA GLY A 833 -10.41 2.14 18.32
C GLY A 833 -9.34 3.17 18.61
N ASP A 834 -8.82 3.80 17.57
CA ASP A 834 -7.73 4.77 17.73
C ASP A 834 -7.53 5.78 16.64
N LEU A 835 -6.68 6.76 16.89
CA LEU A 835 -6.49 7.88 16.02
C LEU A 835 -5.09 8.39 16.18
N TYR A 836 -4.32 8.41 15.09
CA TYR A 836 -2.97 8.91 15.07
C TYR A 836 -2.92 10.19 14.23
N VAL A 837 -2.27 11.25 14.74
CA VAL A 837 -2.11 12.50 14.03
C VAL A 837 -0.70 13.01 14.27
N ASP A 838 -0.12 13.64 13.26
CA ASP A 838 1.16 14.29 13.41
C ASP A 838 1.25 15.34 12.31
N ASP A 839 2.42 15.88 11.98
CA ASP A 839 2.45 17.04 11.12
C ASP A 839 2.43 16.63 9.66
N GLY A 840 2.52 15.33 9.42
CA GLY A 840 2.33 14.75 8.08
C GLY A 840 3.53 14.89 7.14
N ASP A 841 4.65 15.46 7.61
CA ASP A 841 5.72 15.97 6.75
C ASP A 841 7.13 15.74 7.29
N SER A 842 7.31 15.93 8.58
CA SER A 842 8.63 15.91 9.17
C SER A 842 8.95 14.50 9.73
N PHE A 843 10.16 14.35 10.30
CA PHE A 843 10.48 13.17 11.09
C PHE A 843 10.38 13.45 12.58
N ASP A 844 9.71 14.54 12.95
CA ASP A 844 9.48 14.79 14.40
C ASP A 844 8.73 13.72 15.15
N TYR A 845 7.94 12.90 14.46
CA TYR A 845 7.31 11.76 15.09
C TYR A 845 8.32 10.79 15.79
N GLU A 846 9.57 10.81 15.32
CA GLU A 846 10.62 9.97 15.90
C GLU A 846 10.94 10.37 17.32
N LYS A 847 10.82 11.66 17.60
CA LYS A 847 11.00 12.21 18.94
C LYS A 847 9.71 12.42 19.70
N GLY A 848 8.67 11.68 19.42
CA GLY A 848 7.44 11.82 20.18
C GLY A 848 6.46 12.93 19.76
N GLN A 849 6.71 13.67 18.68
CA GLN A 849 5.84 14.79 18.33
C GLN A 849 4.63 14.30 17.54
N TYR A 850 3.70 13.66 18.24
CA TYR A 850 2.51 13.19 17.64
C TYR A 850 1.42 12.96 18.66
N ILE A 851 0.19 12.78 18.21
CA ILE A 851 -0.90 12.40 19.08
C ILE A 851 -1.37 11.04 18.65
N HIS A 852 -1.54 10.10 19.57
CA HIS A 852 -2.11 8.80 19.20
C HIS A 852 -3.04 8.45 20.30
N ARG A 853 -4.33 8.40 20.02
CA ARG A 853 -5.32 8.23 21.06
C ARG A 853 -5.88 6.83 20.94
N ARG A 854 -6.15 6.18 22.08
CA ARG A 854 -6.94 4.97 22.12
C ARG A 854 -8.27 5.31 22.71
N PHE A 855 -9.34 4.87 22.07
CA PHE A 855 -10.68 5.21 22.51
C PHE A 855 -11.35 3.93 22.96
N ILE A 856 -11.97 3.96 24.13
CA ILE A 856 -12.62 2.77 24.64
C ILE A 856 -14.01 3.13 25.12
N PHE A 857 -15.00 2.40 24.65
CA PHE A 857 -16.30 2.51 25.17
C PHE A 857 -16.60 1.24 25.90
N ASP A 858 -17.04 1.42 27.15
CA ASP A 858 -17.50 0.34 28.01
C ASP A 858 -18.41 0.91 29.10
N ALA A 859 -19.54 0.24 29.34
CA ALA A 859 -20.42 0.55 30.48
C ALA A 859 -20.70 2.04 30.48
N ASN A 860 -21.40 2.51 29.45
CA ASN A 860 -21.80 3.91 29.37
C ASN A 860 -20.72 4.97 29.50
N THR A 861 -19.47 4.61 29.28
CA THR A 861 -18.37 5.57 29.43
C THR A 861 -17.49 5.44 28.19
N LEU A 862 -17.12 6.58 27.61
CA LEU A 862 -16.14 6.62 26.54
C LEU A 862 -14.89 7.32 27.03
N THR A 863 -13.74 6.70 26.86
CA THR A 863 -12.49 7.35 27.32
C THR A 863 -11.48 7.45 26.20
N SER A 864 -10.58 8.40 26.37
CA SER A 864 -9.49 8.63 25.47
C SER A 864 -8.25 8.66 26.33
N ALA A 865 -7.26 7.87 25.97
CA ALA A 865 -5.97 7.82 26.66
C ALA A 865 -4.86 7.78 25.59
N ASP A 866 -3.65 8.22 25.89
CA ASP A 866 -2.54 7.97 25.03
C ASP A 866 -2.39 6.47 24.71
N TYR A 867 -2.18 6.18 23.43
CA TYR A 867 -2.23 4.81 22.90
C TYR A 867 -1.12 3.94 23.48
N GLU A 868 0.03 4.55 23.65
CA GLU A 868 1.17 3.83 24.26
C GLU A 868 1.22 3.99 25.79
N GLY A 869 0.38 4.85 26.35
CA GLY A 869 0.52 5.27 27.74
C GLY A 869 1.80 6.04 27.99
N ARG A 870 1.90 7.25 27.46
CA ARG A 870 3.13 8.00 27.55
C ARG A 870 2.96 9.10 28.60
N ASP A 871 4.10 9.67 28.99
CA ASP A 871 4.22 10.84 29.87
C ASP A 871 5.26 11.86 29.27
N ASP A 872 5.25 13.13 29.70
CA ASP A 872 6.34 14.10 29.34
C ASP A 872 7.72 13.71 29.85
N LYS A 876 7.34 16.97 25.88
CA LYS A 876 7.79 18.36 25.68
C LYS A 876 7.55 19.05 24.27
N GLU A 877 6.63 20.01 24.22
CA GLU A 877 5.81 20.22 23.07
C GLU A 877 6.43 21.14 22.04
N GLY A 878 6.55 20.69 20.80
CA GLY A 878 7.01 21.53 19.69
C GLY A 878 5.86 22.35 19.13
N GLU A 879 6.11 23.13 18.07
CA GLU A 879 5.13 24.05 17.55
C GLU A 879 3.83 23.35 17.08
N TRP A 880 3.99 22.19 16.46
CA TRP A 880 2.88 21.54 15.81
C TRP A 880 1.91 21.14 16.90
N LEU A 881 2.43 20.52 17.95
CA LEU A 881 1.57 20.04 19.04
C LEU A 881 0.84 21.16 19.79
N LYS A 882 1.56 22.25 20.01
CA LYS A 882 0.96 23.43 20.61
C LYS A 882 -0.22 23.88 19.77
N LYS A 883 -0.06 24.00 18.44
CA LYS A 883 -1.18 24.38 17.56
C LYS A 883 -2.34 23.40 17.57
N MET A 884 -2.08 22.11 17.77
CA MET A 884 -3.14 21.12 17.94
C MET A 884 -3.98 21.29 19.22
N ARG A 885 -3.52 22.09 20.18
CA ARG A 885 -4.38 22.44 21.34
C ARG A 885 -5.72 23.11 20.98
N THR A 886 -5.83 23.73 19.82
CA THR A 886 -7.14 24.28 19.40
C THR A 886 -7.93 23.40 18.46
N VAL A 887 -7.49 22.17 18.22
CA VAL A 887 -8.21 21.26 17.38
C VAL A 887 -8.90 20.26 18.27
N ASN A 888 -10.22 20.07 18.10
CA ASN A 888 -11.05 19.35 19.04
C ASN A 888 -11.72 18.16 18.38
N VAL A 889 -12.10 17.19 19.22
CA VAL A 889 -13.25 16.34 19.01
C VAL A 889 -14.51 17.09 19.36
N GLU A 890 -15.39 17.26 18.38
CA GLU A 890 -16.59 18.08 18.61
C GLU A 890 -17.85 17.27 18.57
N LYS A 891 -17.83 16.09 17.96
CA LYS A 891 -19.08 15.36 17.77
C LYS A 891 -18.81 13.88 18.02
N ILE A 892 -19.76 13.19 18.65
CA ILE A 892 -19.71 11.76 18.78
C ILE A 892 -21.02 11.20 18.36
N ILE A 893 -20.97 10.18 17.53
CA ILE A 893 -22.14 9.45 17.10
C ILE A 893 -22.05 8.04 17.67
N VAL A 894 -23.06 7.61 18.37
CA VAL A 894 -23.09 6.25 18.89
C VAL A 894 -24.12 5.50 18.10
N VAL A 895 -23.68 4.47 17.36
CA VAL A 895 -24.61 3.69 16.54
C VAL A 895 -24.86 2.44 17.31
N GLY A 896 -26.14 2.06 17.38
CA GLY A 896 -26.72 1.12 18.37
C GLY A 896 -26.78 1.60 19.82
N ALA A 897 -27.15 2.85 20.01
CA ALA A 897 -27.24 3.41 21.37
C ALA A 897 -28.29 2.65 22.18
N PRO A 898 -28.02 2.40 23.46
CA PRO A 898 -28.96 1.64 24.25
C PRO A 898 -30.24 2.38 24.57
N ALA A 899 -31.36 1.67 24.60
CA ALA A 899 -32.68 2.29 24.92
C ALA A 899 -32.70 3.06 26.24
N ALA A 900 -31.92 2.62 27.22
CA ALA A 900 -31.89 3.35 28.47
C ALA A 900 -31.53 4.80 28.29
N TRP A 901 -30.88 5.18 27.19
CA TRP A 901 -30.47 6.60 27.02
C TRP A 901 -31.62 7.54 26.60
N LYS A 902 -32.76 6.98 26.21
CA LYS A 902 -33.91 7.78 25.78
C LYS A 902 -34.30 8.77 26.86
N GLY A 903 -34.30 10.05 26.50
CA GLY A 903 -34.82 11.12 27.36
C GLY A 903 -33.80 11.75 28.28
N LYS A 904 -32.57 11.22 28.26
CA LYS A 904 -31.44 11.85 28.92
C LYS A 904 -30.96 12.84 27.93
N LYS A 905 -30.69 14.07 28.33
CA LYS A 905 -30.42 15.13 27.37
C LYS A 905 -29.00 15.68 27.42
N THR A 906 -28.24 15.26 28.44
CA THR A 906 -26.84 15.68 28.56
C THR A 906 -25.92 14.52 28.84
N VAL A 907 -24.65 14.67 28.49
CA VAL A 907 -23.62 13.81 29.01
C VAL A 907 -22.68 14.65 29.83
N THR A 908 -21.89 14.00 30.66
CA THR A 908 -20.82 14.73 31.36
C THR A 908 -19.46 14.39 30.77
N VAL A 909 -18.68 15.45 30.58
CA VAL A 909 -17.37 15.36 30.02
C VAL A 909 -16.36 15.77 31.08
N GLU A 910 -15.35 14.93 31.30
CA GLU A 910 -14.21 15.26 32.16
C GLU A 910 -12.89 15.22 31.42
N SER A 911 -12.09 16.26 31.59
CA SER A 911 -10.79 16.31 30.92
C SER A 911 -9.86 17.31 31.60
N GLU A 912 -8.68 16.83 31.98
CA GLU A 912 -7.60 17.64 32.52
C GLU A 912 -8.07 18.39 33.76
N GLY A 913 -8.77 17.67 34.63
CA GLY A 913 -9.29 18.24 35.86
C GLY A 913 -10.39 19.27 35.74
N LYS A 914 -11.04 19.33 34.57
CA LYS A 914 -12.27 20.12 34.41
C LYS A 914 -13.43 19.26 34.03
N THR A 915 -14.63 19.78 34.25
CA THR A 915 -15.82 19.05 33.94
C THR A 915 -16.81 20.01 33.32
N TRP A 916 -17.63 19.49 32.43
CA TRP A 916 -18.71 20.25 31.80
C TRP A 916 -19.74 19.32 31.19
N ALA A 917 -20.85 19.89 30.73
CA ALA A 917 -21.94 19.13 30.12
C ALA A 917 -21.95 19.40 28.60
N ALA A 918 -22.36 18.39 27.83
CA ALA A 918 -22.66 18.52 26.43
C ALA A 918 -23.98 17.87 26.18
N ALA A 919 -24.70 18.44 25.21
CA ALA A 919 -25.99 17.95 24.78
C ALA A 919 -25.84 16.66 24.00
N ILE A 920 -26.80 15.76 24.20
CA ILE A 920 -26.93 14.58 23.43
C ILE A 920 -28.40 14.42 23.02
N GLU A 921 -28.64 14.03 21.77
CA GLU A 921 -29.99 13.65 21.31
C GLU A 921 -30.06 12.17 20.99
N TYR A 922 -31.12 11.52 21.42
CA TYR A 922 -31.29 10.11 21.27
C TYR A 922 -32.33 9.88 20.19
N ASN A 923 -32.05 8.98 19.26
CA ASN A 923 -32.98 8.71 18.14
C ASN A 923 -33.32 7.23 18.19
N PRO A 924 -34.59 6.90 18.40
CA PRO A 924 -34.95 5.51 18.58
C PRO A 924 -34.82 4.71 17.30
N ALA A 925 -34.63 3.41 17.44
CA ALA A 925 -34.72 2.51 16.32
C ALA A 925 -36.02 2.75 15.57
N GLU A 926 -35.96 2.58 14.25
CA GLU A 926 -37.07 2.91 13.40
C GLU A 926 -36.94 2.16 12.10
N LYS A 927 -37.90 1.28 11.84
CA LYS A 927 -37.89 0.47 10.64
C LYS A 927 -36.66 -0.44 10.71
N SER A 928 -35.86 -0.53 9.66
CA SER A 928 -34.59 -1.30 9.75
C SER A 928 -33.40 -0.55 10.43
N ARG A 929 -33.57 0.75 10.64
CA ARG A 929 -32.50 1.58 11.11
C ARG A 929 -32.24 1.43 12.60
N ALA A 930 -30.95 1.37 12.97
CA ALA A 930 -30.56 1.34 14.35
C ALA A 930 -30.85 2.64 15.09
N ALA A 931 -31.01 2.49 16.39
CA ALA A 931 -31.00 3.59 17.31
C ALA A 931 -29.63 4.22 17.34
N PHE A 932 -29.59 5.53 17.42
CA PHE A 932 -28.33 6.22 17.43
C PHE A 932 -28.43 7.51 18.19
N ALA A 933 -27.34 7.93 18.78
CA ALA A 933 -27.35 9.10 19.60
C ALA A 933 -26.23 9.98 19.11
N VAL A 934 -26.38 11.29 19.24
CA VAL A 934 -25.35 12.23 18.79
C VAL A 934 -25.05 13.19 19.89
N VAL A 935 -23.78 13.31 20.23
CA VAL A 935 -23.31 14.31 21.19
C VAL A 935 -22.72 15.46 20.42
N LYS A 936 -23.06 16.66 20.85
CA LYS A 936 -22.81 17.85 20.07
C LYS A 936 -21.97 18.74 20.91
N LYS A 937 -21.04 19.40 20.24
CA LYS A 937 -20.14 20.36 20.87
C LYS A 937 -19.43 19.79 22.12
N VAL A 938 -18.76 18.67 21.93
CA VAL A 938 -17.98 18.03 22.98
C VAL A 938 -16.89 18.95 23.48
N GLY A 939 -16.24 19.65 22.59
CA GLY A 939 -15.36 20.73 23.00
C GLY A 939 -14.09 20.28 23.71
N VAL A 940 -13.54 19.13 23.32
CA VAL A 940 -12.34 18.59 23.99
C VAL A 940 -11.17 18.56 23.00
N ARG A 941 -9.99 19.00 23.44
CA ARG A 941 -8.86 19.08 22.51
C ARG A 941 -8.40 17.68 22.18
N VAL A 942 -8.05 17.43 20.91
CA VAL A 942 -7.90 16.02 20.48
C VAL A 942 -6.73 15.34 21.23
N GLY A 943 -5.76 16.14 21.71
CA GLY A 943 -4.57 15.61 22.40
C GLY A 943 -4.73 15.25 23.88
N ALA A 944 -5.92 15.44 24.43
CA ALA A 944 -6.15 15.39 25.88
C ALA A 944 -6.88 14.15 26.26
N ASP A 945 -6.54 13.62 27.42
CA ASP A 945 -7.29 12.54 28.01
C ASP A 945 -8.66 13.04 28.31
N PHE A 946 -9.62 12.16 28.14
CA PHE A 946 -10.95 12.47 28.55
C PHE A 946 -11.77 11.26 28.82
N LYS A 947 -12.85 11.53 29.53
CA LYS A 947 -13.86 10.58 29.88
C LYS A 947 -15.24 11.26 29.64
N ILE A 948 -16.10 10.59 28.88
CA ILE A 948 -17.44 11.03 28.67
C ILE A 948 -18.39 10.03 29.22
N VAL A 949 -19.28 10.46 30.11
CA VAL A 949 -20.17 9.57 30.81
C VAL A 949 -21.57 9.78 30.32
N PHE A 950 -22.14 8.70 29.75
CA PHE A 950 -23.48 8.69 29.14
C PHE A 950 -24.51 8.09 30.10
N GLY A 951 -25.78 8.22 29.75
CA GLY A 951 -26.87 7.58 30.48
C GLY A 951 -27.15 8.28 31.80
N LEU B 26 -26.47 40.76 11.88
CA LEU B 26 -25.63 40.90 13.13
C LEU B 26 -24.77 39.67 13.48
N PRO B 27 -25.32 38.44 13.57
CA PRO B 27 -24.35 37.34 13.61
C PRO B 27 -23.53 37.26 12.37
N ARG B 28 -22.34 36.72 12.50
CA ARG B 28 -21.38 36.76 11.46
C ARG B 28 -21.89 35.87 10.30
N GLY B 29 -21.62 36.35 9.09
CA GLY B 29 -21.93 35.61 7.84
C GLY B 29 -23.37 35.72 7.37
N VAL B 30 -24.19 36.50 8.06
CA VAL B 30 -25.61 36.61 7.67
C VAL B 30 -25.80 37.69 6.61
N GLY B 31 -26.47 37.34 5.52
CA GLY B 31 -26.75 38.31 4.45
C GLY B 31 -27.97 39.15 4.79
N PRO B 32 -28.10 40.36 4.18
CA PRO B 32 -29.18 41.31 4.50
C PRO B 32 -30.57 40.74 4.42
N GLU B 33 -30.79 39.91 3.42
CA GLU B 33 -32.11 39.31 3.16
C GLU B 33 -32.48 38.16 4.11
N PHE B 34 -31.53 37.72 4.93
CA PHE B 34 -31.84 36.79 6.01
C PHE B 34 -31.67 37.42 7.40
N ALA B 35 -31.24 38.66 7.49
CA ALA B 35 -31.07 39.39 8.77
C ALA B 35 -32.28 39.25 9.70
N LYS B 36 -33.48 39.37 9.17
CA LYS B 36 -34.64 39.42 10.06
C LYS B 36 -34.80 38.17 10.91
N TYR B 37 -34.14 37.03 10.57
CA TYR B 37 -34.40 35.80 11.28
C TYR B 37 -33.53 35.66 12.53
N TYR B 38 -32.57 36.57 12.70
CA TYR B 38 -31.54 36.52 13.75
C TYR B 38 -31.75 37.71 14.69
N THR B 39 -32.64 37.56 15.66
CA THR B 39 -33.36 38.74 16.15
C THR B 39 -33.64 38.67 17.63
N SER B 40 -34.38 37.66 18.09
CA SER B 40 -34.81 37.67 19.50
C SER B 40 -33.61 37.97 20.42
N GLN B 41 -33.90 38.44 21.62
CA GLN B 41 -33.31 37.82 22.78
C GLN B 41 -33.11 36.32 22.48
N GLY B 42 -34.11 35.50 22.76
CA GLY B 42 -33.89 34.32 23.57
C GLY B 42 -33.71 33.10 22.71
N THR B 43 -34.53 33.00 21.66
CA THR B 43 -34.58 31.81 20.84
C THR B 43 -34.37 32.10 19.34
N PHE B 44 -33.92 31.07 18.65
CA PHE B 44 -33.74 31.07 17.20
C PHE B 44 -34.60 29.91 16.66
N THR B 45 -35.47 30.24 15.73
CA THR B 45 -36.21 29.23 15.02
C THR B 45 -35.48 28.93 13.68
N CYS B 46 -35.32 27.65 13.35
CA CYS B 46 -34.58 27.28 12.15
C CYS B 46 -35.40 27.79 10.96
N ILE B 47 -34.75 28.45 10.01
CA ILE B 47 -35.46 29.23 8.99
C ILE B 47 -36.30 28.37 8.03
N GLY B 48 -35.68 27.32 7.46
CA GLY B 48 -36.34 26.46 6.47
C GLY B 48 -37.07 25.27 7.06
N THR B 49 -36.79 24.98 8.34
CA THR B 49 -37.32 23.79 9.03
C THR B 49 -37.83 24.25 10.41
N PRO B 50 -38.92 25.04 10.43
CA PRO B 50 -39.23 25.88 11.61
C PRO B 50 -39.86 25.13 12.80
N SER B 51 -40.05 23.83 12.68
CA SER B 51 -40.40 23.00 13.86
C SER B 51 -39.24 22.75 14.82
N ILE B 52 -38.01 23.11 14.44
CA ILE B 52 -36.89 23.01 15.37
C ILE B 52 -36.57 24.42 15.79
N THR B 53 -36.43 24.57 17.10
CA THR B 53 -36.17 25.84 17.74
C THR B 53 -34.98 25.72 18.68
N LEU B 54 -34.11 26.68 18.67
CA LEU B 54 -32.88 26.59 19.41
C LEU B 54 -32.82 27.70 20.39
N SER B 55 -31.89 27.58 21.34
CA SER B 55 -31.40 28.75 22.05
C SER B 55 -30.51 29.59 21.15
N SER B 56 -30.57 30.90 21.33
CA SER B 56 -29.85 31.80 20.45
C SER B 56 -28.34 31.83 20.73
N SER B 57 -27.92 31.30 21.86
CA SER B 57 -26.53 30.94 22.09
C SER B 57 -25.97 29.84 21.14
N GLN B 58 -26.84 29.08 20.46
CA GLN B 58 -26.45 28.02 19.53
C GLN B 58 -26.23 28.48 18.08
N ILE B 59 -26.46 29.77 17.83
CA ILE B 59 -26.02 30.38 16.57
C ILE B 59 -24.54 30.58 16.56
N ASN B 60 -23.91 30.15 15.47
CA ASN B 60 -22.46 30.22 15.31
C ASN B 60 -21.66 29.70 16.51
N ASP B 61 -22.06 28.54 17.01
CA ASP B 61 -21.32 27.89 18.10
C ASP B 61 -20.61 26.70 17.57
N ASN B 62 -20.40 26.64 16.27
CA ASN B 62 -19.74 25.51 15.62
C ASN B 62 -20.32 24.17 15.84
N SER B 63 -21.57 24.11 16.29
CA SER B 63 -22.32 22.87 16.19
C SER B 63 -23.47 23.05 15.21
N CYS B 64 -23.67 22.05 14.33
CA CYS B 64 -24.76 22.12 13.34
C CYS B 64 -26.08 21.67 13.96
N ASP B 65 -26.90 22.62 14.40
CA ASP B 65 -28.05 22.27 15.23
C ASP B 65 -29.32 22.31 14.46
N CYS B 66 -29.36 23.04 13.34
CA CYS B 66 -30.51 23.03 12.45
C CYS B 66 -30.22 22.16 11.27
N PRO B 67 -31.18 21.28 10.90
CA PRO B 67 -31.09 20.39 9.75
C PRO B 67 -31.28 21.04 8.37
N ASP B 68 -31.33 22.39 8.36
CA ASP B 68 -31.22 23.16 7.14
C ASP B 68 -29.96 24.04 7.14
N GLY B 69 -29.16 23.92 8.19
CA GLY B 69 -27.91 24.65 8.25
C GLY B 69 -28.02 26.07 8.79
N SER B 70 -29.24 26.56 9.04
CA SER B 70 -29.42 28.03 9.24
C SER B 70 -28.87 28.63 10.53
N ASP B 71 -28.54 27.80 11.52
CA ASP B 71 -27.87 28.28 12.73
C ASP B 71 -26.39 28.54 12.61
N GLU B 72 -25.78 28.20 11.50
CA GLU B 72 -24.37 28.49 11.30
C GLU B 72 -24.08 29.35 10.06
N PRO B 73 -24.56 30.61 10.03
CA PRO B 73 -24.25 31.46 8.88
C PRO B 73 -22.81 31.86 8.83
N GLY B 74 -22.10 31.72 9.95
CA GLY B 74 -20.80 32.35 10.14
C GLY B 74 -19.70 31.34 10.39
N THR B 75 -19.99 30.04 10.24
CA THR B 75 -18.97 29.02 10.38
C THR B 75 -19.08 27.96 9.30
N ALA B 76 -18.11 27.02 9.32
CA ALA B 76 -18.11 25.90 8.40
C ALA B 76 -18.87 24.69 8.88
N ALA B 77 -19.53 24.78 10.04
CA ALA B 77 -19.97 23.57 10.73
C ALA B 77 -21.17 22.89 10.11
N CYS B 78 -21.86 23.55 9.17
CA CYS B 78 -22.98 22.91 8.49
C CYS B 78 -22.63 22.65 7.05
N ALA B 79 -21.36 22.74 6.71
CA ALA B 79 -20.95 22.55 5.32
C ALA B 79 -21.13 21.11 4.82
N HIS B 80 -21.28 20.15 5.71
CA HIS B 80 -21.61 18.78 5.33
C HIS B 80 -23.09 18.54 4.88
N LEU B 81 -23.90 19.57 5.04
CA LEU B 81 -25.24 19.56 4.50
C LEU B 81 -25.18 19.96 3.03
N ASP B 82 -25.04 18.97 2.17
CA ASP B 82 -24.56 19.21 0.79
C ASP B 82 -24.89 17.96 0.00
N ARG B 83 -25.45 18.12 -1.17
CA ARG B 83 -25.80 16.96 -1.99
C ARG B 83 -24.58 16.18 -2.47
N LEU B 84 -23.41 16.80 -2.39
CA LEU B 84 -22.19 16.14 -2.83
C LEU B 84 -21.48 15.38 -1.70
N SER B 85 -21.88 15.55 -0.44
CA SER B 85 -21.15 14.99 0.68
C SER B 85 -21.73 13.61 1.08
N PRO B 86 -20.94 12.76 1.78
CA PRO B 86 -21.46 11.44 2.11
C PRO B 86 -22.76 11.55 2.91
N GLU B 87 -23.77 10.85 2.45
CA GLU B 87 -25.08 10.85 3.07
C GLU B 87 -25.10 10.22 4.48
N GLN B 88 -25.61 10.96 5.47
CA GLN B 88 -25.87 10.45 6.81
C GLN B 88 -27.31 10.79 7.25
N PRO B 89 -27.89 9.96 8.15
CA PRO B 89 -29.24 10.24 8.58
C PRO B 89 -29.33 11.55 9.31
N LEU B 90 -30.42 12.29 9.08
CA LEU B 90 -30.56 13.61 9.69
C LEU B 90 -32.06 13.86 9.92
N PRO B 91 -32.53 13.50 11.11
CA PRO B 91 -33.95 13.72 11.44
C PRO B 91 -34.27 15.23 11.39
N GLY B 92 -35.34 15.60 10.68
CA GLY B 92 -35.75 17.01 10.50
C GLY B 92 -35.27 17.64 9.21
N SER B 93 -34.32 17.00 8.54
CA SER B 93 -33.89 17.44 7.22
C SER B 93 -35.08 17.33 6.27
N LEU B 94 -35.17 18.23 5.31
CA LEU B 94 -36.26 18.10 4.32
C LEU B 94 -36.18 16.77 3.58
N THR B 95 -34.96 16.23 3.40
CA THR B 95 -34.79 14.95 2.71
C THR B 95 -34.66 13.76 3.65
N GLY B 96 -34.58 14.03 4.95
CA GLY B 96 -34.23 13.00 5.96
C GLY B 96 -32.74 12.67 6.12
N THR B 97 -31.87 13.24 5.27
CA THR B 97 -30.46 13.06 5.40
C THR B 97 -29.66 14.34 5.22
N THR B 98 -28.34 14.25 5.37
CA THR B 98 -27.44 15.38 5.12
C THR B 98 -27.33 15.74 3.65
N ASN B 99 -27.83 14.89 2.80
CA ASN B 99 -27.91 15.15 1.38
C ASN B 99 -29.13 16.07 1.10
N THR B 100 -28.89 17.37 1.22
CA THR B 100 -29.96 18.31 1.25
C THR B 100 -29.37 19.66 0.85
N THR B 101 -30.23 20.56 0.41
CA THR B 101 -29.85 21.90 0.02
C THR B 101 -30.00 22.85 1.19
N SER B 102 -28.93 23.50 1.62
CA SER B 102 -29.04 24.33 2.80
C SER B 102 -29.93 25.48 2.47
N THR B 103 -30.58 26.01 3.48
CA THR B 103 -31.35 27.23 3.33
C THR B 103 -30.48 28.40 2.92
N LEU B 104 -29.36 28.57 3.59
CA LEU B 104 -28.58 29.77 3.32
C LEU B 104 -27.73 29.60 2.06
N PRO B 105 -27.48 30.68 1.32
CA PRO B 105 -26.71 30.47 0.13
C PRO B 105 -25.23 30.26 0.41
N GLY B 106 -24.74 30.58 1.59
CA GLY B 106 -23.32 30.67 1.80
C GLY B 106 -23.08 31.61 2.94
N PHE B 107 -21.80 31.95 3.13
CA PHE B 107 -21.35 32.83 4.17
C PHE B 107 -21.23 34.16 3.48
N TRP B 108 -21.86 35.18 4.08
CA TRP B 108 -21.88 36.51 3.50
C TRP B 108 -20.64 37.30 3.90
N CYS B 109 -19.90 37.76 2.92
CA CYS B 109 -18.85 38.74 3.13
C CYS B 109 -19.33 40.12 2.73
N ALA B 110 -19.47 41.03 3.68
CA ALA B 110 -19.98 42.38 3.41
C ALA B 110 -19.01 43.16 2.56
N ASN B 111 -17.72 42.98 2.77
CA ASN B 111 -16.70 43.60 1.90
C ASN B 111 -16.83 45.14 1.78
N GLU B 112 -17.01 45.82 2.89
CA GLU B 112 -17.02 47.31 2.91
C GLU B 112 -15.89 47.86 2.09
N GLY B 113 -16.22 48.76 1.17
CA GLY B 113 -15.24 49.39 0.33
C GLY B 113 -15.16 48.74 -1.03
N HIS B 114 -15.69 47.52 -1.15
CA HIS B 114 -15.80 46.90 -2.48
C HIS B 114 -17.28 46.52 -2.68
N ILE B 115 -17.61 45.25 -2.87
CA ILE B 115 -18.98 44.85 -3.05
C ILE B 115 -19.22 43.46 -2.40
N GLY B 116 -20.33 43.34 -1.69
CA GLY B 116 -20.65 42.09 -0.97
C GLY B 116 -20.86 40.86 -1.82
N SER B 117 -20.58 39.70 -1.25
CA SER B 117 -20.88 38.40 -1.90
C SER B 117 -20.81 37.25 -0.95
N TYR B 118 -21.52 36.21 -1.36
CA TYR B 118 -21.51 34.94 -0.69
C TYR B 118 -20.28 34.14 -1.08
N ILE B 119 -19.70 33.40 -0.13
CA ILE B 119 -18.82 32.31 -0.46
C ILE B 119 -19.37 31.05 0.13
N PRO B 120 -18.92 29.89 -0.38
CA PRO B 120 -19.34 28.60 0.18
C PRO B 120 -18.94 28.41 1.65
N PHE B 121 -19.78 27.80 2.46
CA PHE B 121 -19.40 27.55 3.85
C PHE B 121 -18.12 26.73 3.97
N MET B 122 -17.80 25.96 2.95
CA MET B 122 -16.64 25.06 3.03
C MET B 122 -15.34 25.75 2.70
N TYR B 123 -15.44 27.06 2.44
CA TYR B 123 -14.26 27.94 2.35
C TYR B 123 -14.00 28.71 3.66
N VAL B 124 -14.85 28.50 4.67
CA VAL B 124 -14.78 29.27 5.90
C VAL B 124 -13.82 28.59 6.87
N ASN B 125 -12.87 29.37 7.37
CA ASN B 125 -11.87 28.89 8.33
C ASN B 125 -11.11 27.67 7.83
N ASP B 126 -10.65 27.71 6.59
CA ASP B 126 -9.87 26.61 6.06
C ASP B 126 -8.42 26.94 5.93
N GLY B 127 -8.02 28.09 6.41
CA GLY B 127 -6.64 28.52 6.35
C GLY B 127 -6.23 29.18 5.07
N VAL B 128 -7.18 29.42 4.17
CA VAL B 128 -6.91 30.00 2.87
C VAL B 128 -7.73 31.30 2.82
N CYS B 129 -7.08 32.41 2.49
CA CYS B 129 -7.76 33.67 2.35
C CYS B 129 -8.45 33.65 0.99
N ASP B 130 -9.78 33.65 0.96
CA ASP B 130 -10.49 33.61 -0.30
C ASP B 130 -10.91 35.03 -0.76
N TYR B 131 -9.93 35.78 -1.27
CA TYR B 131 -10.02 37.21 -1.51
C TYR B 131 -10.95 37.57 -2.67
N GLU B 132 -11.16 36.68 -3.62
CA GLU B 132 -11.92 37.06 -4.81
C GLU B 132 -13.31 37.43 -4.37
N LEU B 133 -13.98 36.57 -3.62
CA LEU B 133 -15.33 36.90 -3.24
C LEU B 133 -15.39 37.35 -1.78
N CYS B 134 -14.31 37.16 -1.02
CA CYS B 134 -14.31 37.62 0.36
C CYS B 134 -13.13 38.52 0.63
N CYS B 135 -13.14 39.71 0.01
CA CYS B 135 -11.96 40.60 0.06
C CYS B 135 -11.69 41.17 1.46
N ASP B 136 -12.69 41.20 2.32
CA ASP B 136 -12.49 41.67 3.68
C ASP B 136 -11.72 40.71 4.61
N GLY B 137 -11.52 39.45 4.20
CA GLY B 137 -10.74 38.49 4.94
C GLY B 137 -11.54 37.83 6.04
N SER B 138 -12.85 38.12 6.09
CA SER B 138 -13.67 37.67 7.22
C SER B 138 -13.94 36.15 7.18
N ASP B 139 -13.68 35.48 6.06
CA ASP B 139 -13.74 34.01 6.03
C ASP B 139 -12.76 33.31 6.96
N GLU B 140 -11.69 34.01 7.36
CA GLU B 140 -10.66 33.43 8.22
C GLU B 140 -10.54 34.11 9.59
N TYR B 141 -11.68 34.47 10.15
CA TYR B 141 -11.76 35.19 11.43
C TYR B 141 -11.24 34.39 12.63
N ALA B 142 -11.31 33.06 12.54
CA ALA B 142 -10.79 32.22 13.62
C ALA B 142 -9.25 32.02 13.56
N HIS B 143 -8.61 32.46 12.51
CA HIS B 143 -7.17 32.30 12.36
C HIS B 143 -6.78 30.83 12.48
N ALA B 144 -7.48 29.95 11.77
CA ALA B 144 -7.06 28.57 11.69
C ALA B 144 -5.57 28.39 11.37
N GLY B 145 -4.86 27.66 12.22
CA GLY B 145 -3.46 27.32 11.97
C GLY B 145 -2.58 28.56 11.90
N GLY B 146 -2.99 29.63 12.55
CA GLY B 146 -2.24 30.87 12.48
C GLY B 146 -2.61 31.86 11.36
N VAL B 147 -3.40 31.48 10.37
CA VAL B 147 -3.56 32.38 9.21
C VAL B 147 -4.11 33.77 9.64
N GLN B 148 -3.51 34.85 9.14
CA GLN B 148 -4.05 36.22 9.28
C GLN B 148 -4.32 36.79 7.90
N CYS B 149 -5.57 37.07 7.57
CA CYS B 149 -5.84 37.57 6.23
C CYS B 149 -5.88 39.07 6.31
N GLU B 150 -5.29 39.77 5.34
CA GLU B 150 -5.54 41.21 5.17
C GLU B 150 -7.00 41.52 4.81
N ASN B 151 -7.43 42.74 5.05
CA ASN B 151 -8.58 43.30 4.38
C ASN B 151 -8.17 43.97 3.11
N ARG B 152 -8.53 43.42 1.94
CA ARG B 152 -8.06 43.95 0.66
C ARG B 152 -9.12 44.73 -0.12
N CYS B 153 -10.25 45.02 0.51
CA CYS B 153 -11.39 45.53 -0.21
C CYS B 153 -11.10 46.91 -0.79
N ALA B 154 -10.57 47.79 0.07
CA ALA B 154 -10.35 49.19 -0.28
C ALA B 154 -9.41 49.34 -1.48
N ALA B 155 -8.37 48.49 -1.54
CA ALA B 155 -7.53 48.37 -2.73
C ALA B 155 -8.27 47.90 -4.01
N ILE B 156 -8.89 46.72 -3.99
CA ILE B 156 -9.57 46.20 -5.21
C ILE B 156 -10.62 47.18 -5.77
C TRS C . 3.93 5.48 -18.32
C1 TRS C . 4.63 6.77 -17.86
C2 TRS C . 2.81 5.90 -19.22
C3 TRS C . 3.31 4.68 -17.11
N TRS C . 4.88 4.59 -19.08
O1 TRS C . 5.23 7.53 -18.93
O2 TRS C . 2.01 6.81 -18.46
O3 TRS C . 3.42 3.22 -17.13
CA CA D . -25.15 25.90 16.20
CA CA E . -11.06 30.52 3.38
#